data_6RCU
#
_entry.id   6RCU
#
_cell.length_a   235.150
_cell.length_b   58.784
_cell.length_c   116.794
_cell.angle_alpha   90.00
_cell.angle_beta   106.41
_cell.angle_gamma   90.00
#
_symmetry.space_group_name_H-M   'C 1 2 1'
#
loop_
_entity.id
_entity.type
_entity.pdbx_description
1 polymer 'Reticulocyte binding protein homologue 5'
2 polymer 'R5.004 heavy chain'
3 polymer 'R5.004 light chain'
4 polymer 'R5.016 light chain'
5 polymer 'R5.016 heavy chain'
#
loop_
_entity_poly.entity_id
_entity_poly.type
_entity_poly.pdbx_seq_one_letter_code
_entity_poly.pdbx_strand_id
1 'polypeptide(L)'
;ENAIKKTKNQENQLTLLPIKSTEEEKDDIKNGKDIKKEIDNDKENIKTNNAKDHSTYIKSYLNTNVNDGLKYLFIPSHNS
FIKKYSVFNQINDGMLLNEKNDVKNNEDYKNVDYKNVNFLQYHFKELSNYNIANSIDILQEKEGHLDFVIIPHYTFLDYY
KHLSYNSIYHKSSTYGKCIAVDAFIKKINEAYDKVKSKCNDIKNDLIATIKKLEHPYDINNKNDDSYRYDISEEIDDKSE
ETDDETEEVEDSIQDTDSNHTPSNKKKNDLMNRTFKKMMDEYNTKKKKLIKCIKNHENDFNKICMDMKNYGTNLFEQLSC
YNNNFCNTNGIRYHYDEYIHKLILSVKSKNLNKDLSDMTNILQQSELLLTNLNKKMGSYIYIDTIKFIHKEMKHIFNRIE
YHTKIINDKTKIIQDKIKLNIWRTFQKDELLKRILDMSNEYSLFITSDHLRQMLYNTFYSKEKHLNNIFHHLIYVLQMKF
NDVPIKMEYFQTYKKNKPLTQ
;
A
2 'polypeptide(L)'
;VHSEVQLVQSGAEVKKPGSSVKVSCKASGGTFSNYAINWVRQAPGQGLEWMGGIIPIFATTNYAQKFQGRVTITADESTS
TAYMELSSLRSEDTAVYFCARDKHSWSYAFDIWGQGTMVTVSSASTKGPSVFPLAPSSKSTSGGTAALGCLVKDYFPEPV
TVSWNSGALTSGVHTFPAVLQSSGLYSLSSVVTVPSSSLGTQTYICNVNHKPSNTKVDKKVEPKSCDKTHTC
;
B
3 'polypeptide(L)'
;SWAQSVLTQPPSASGTPGLRVTISCSGSSSNIGSNTVNWYQHLPGTAPKLLIHSNNQRPSGVPDRFSGSKSGTSASLAIS
GLQSEDEADYYCAAWDDSLNGWVFGGGTKLTVLGQPKAAPSVTLFPPSSEELQANKATLVCLISDFYPGAVTVAWKADSS
PVKAGVETTTPSKQSNNKYAASSYLSLTPEQWKSHRSYSCQVTHEGSTVEKTVAPTECS
;
C
4 'polypeptide(L)'
;TGVHCAIRMTQSPSTLSASVGDRVTITCRASQSINTWLAWYQQKPGKAPNLLISKASSLESGVPSRFSGSGSGTEFTLTI
SSLQPDDFATYFCQQYNSYLYTFGQGTKVEIRRTVAAPSVFIFPPSDEQLKSGTASVVCLLNNFYPREAKVQWKVDNALQ
SGNSQESVTEQDSKDSTYSLSSTLTLSKADYEKHKVYACEVTHQGLSSPVTKSFNRGEC
;
D
5 'polypeptide(L)'
;TGVHSQVQLVQSGAEVKKPGASVRVSCKASGYTFTSYGISWVRQAPGQGLEWMGWISGYDGNTNYAQKLQGRVTMTTDTS
TSTAYMELRSLRSDDTAVYYCARDGPQVGDFDWQVYYYYGMDVWGQGTTVTVSSASTKGPSVFPLAPSSKSTSGGTAALG
CLVKDYFPEPVTVSWNSGALTSGVHTFPAVLQSSGLYSLSSVVTVPSSSLGTQTYICNVNHKPSNTKVDKKVEPKSCDKT
HTCPPCPAPELLGGPSVFLFPPKPKDTLMISRTPEVTCVVVDVSHEDPEVKFNWYVDGVEVHNAKTKPREEQYNSTYRVV
SVLTVLHQDWLNGKEYKCKVSNKALPAPIEKTISKAKGQPREPQVYTLPPSRDELTKNQVSLTCLVKGFYPSDIAVEWES
NGQPENNYKTTPPVLDSDGSFFLYSKLTVDKSRWQQGNVFSCSVMHEALHNHYTQKSLSLSPGK
;
E
#
# COMPACT_ATOMS: atom_id res chain seq x y z
N HIS A 123 8.25 3.14 -30.46
CA HIS A 123 8.10 1.83 -29.88
C HIS A 123 6.72 1.39 -30.32
N PHE A 124 6.72 0.38 -31.18
CA PHE A 124 5.52 -0.16 -31.80
C PHE A 124 4.80 -0.96 -30.72
N LYS A 125 3.76 -0.36 -30.14
CA LYS A 125 3.00 -1.02 -29.07
C LYS A 125 2.50 -2.38 -29.56
N GLU A 126 2.42 -3.33 -28.62
CA GLU A 126 1.98 -4.69 -28.94
C GLU A 126 0.47 -4.92 -29.03
N LEU A 127 -0.27 -4.77 -27.94
CA LEU A 127 -1.72 -4.94 -28.02
C LEU A 127 -2.47 -3.69 -28.52
N SER A 128 -3.37 -3.88 -29.49
CA SER A 128 -4.15 -2.81 -30.10
C SER A 128 -5.47 -3.37 -30.65
N ASN A 129 -6.46 -2.48 -30.76
CA ASN A 129 -7.80 -2.83 -31.25
C ASN A 129 -7.93 -3.12 -32.75
N TYR A 130 -8.80 -4.09 -33.06
CA TYR A 130 -9.19 -4.58 -34.39
C TYR A 130 -10.57 -5.25 -34.30
N ASN A 131 -11.00 -5.80 -35.43
CA ASN A 131 -12.25 -6.54 -35.62
C ASN A 131 -12.17 -7.96 -35.06
N ILE A 132 -12.40 -8.08 -33.75
CA ILE A 132 -12.53 -9.37 -33.08
C ILE A 132 -14.03 -9.69 -32.96
N ALA A 133 -14.53 -10.46 -33.90
CA ALA A 133 -15.93 -10.86 -33.94
C ALA A 133 -16.28 -11.93 -32.90
N ASN A 134 -15.64 -13.09 -32.96
CA ASN A 134 -16.00 -14.21 -32.08
C ASN A 134 -14.76 -14.94 -31.60
N SER A 135 -14.33 -14.56 -30.40
CA SER A 135 -13.23 -15.17 -29.66
C SER A 135 -13.64 -15.15 -28.19
N ILE A 136 -14.84 -15.68 -27.94
CA ILE A 136 -15.47 -15.73 -26.63
C ILE A 136 -15.26 -17.14 -26.10
N ASP A 137 -15.10 -17.29 -24.79
CA ASP A 137 -15.02 -18.63 -24.22
C ASP A 137 -16.11 -18.77 -23.18
N ILE A 138 -16.77 -19.93 -23.22
CA ILE A 138 -17.84 -20.28 -22.32
C ILE A 138 -17.30 -21.30 -21.34
N LEU A 139 -17.56 -21.10 -20.04
CA LEU A 139 -17.02 -21.98 -19.02
C LEU A 139 -18.05 -22.33 -17.95
N GLN A 140 -18.51 -23.60 -17.97
CA GLN A 140 -19.40 -24.14 -16.95
C GLN A 140 -18.42 -24.80 -15.98
N GLU A 141 -17.98 -24.05 -14.99
CA GLU A 141 -16.99 -24.55 -14.04
C GLU A 141 -17.60 -25.45 -12.98
N LYS A 142 -18.62 -25.02 -12.25
CA LYS A 142 -19.14 -25.94 -11.26
C LYS A 142 -20.54 -26.35 -11.73
N GLU A 143 -21.41 -26.74 -10.81
CA GLU A 143 -22.76 -27.08 -11.21
C GLU A 143 -23.47 -25.82 -11.68
N GLY A 144 -23.65 -25.70 -12.99
CA GLY A 144 -24.35 -24.60 -13.60
C GLY A 144 -23.79 -23.21 -13.32
N HIS A 145 -22.46 -23.09 -13.22
CA HIS A 145 -21.80 -21.81 -12.96
C HIS A 145 -21.24 -21.34 -14.30
N LEU A 146 -22.11 -20.74 -15.11
CA LEU A 146 -21.69 -20.29 -16.43
C LEU A 146 -21.03 -18.92 -16.35
N ASP A 147 -19.87 -18.80 -16.99
CA ASP A 147 -19.19 -17.51 -17.09
C ASP A 147 -18.47 -17.51 -18.42
N PHE A 148 -18.08 -16.33 -18.91
CA PHE A 148 -17.33 -16.31 -20.14
C PHE A 148 -16.13 -15.37 -20.04
N VAL A 149 -15.31 -15.40 -21.08
CA VAL A 149 -14.09 -14.62 -21.18
C VAL A 149 -13.87 -14.26 -22.64
N ILE A 150 -13.79 -12.96 -22.95
CA ILE A 150 -13.45 -12.53 -24.28
C ILE A 150 -11.92 -12.51 -24.31
N ILE A 151 -11.36 -13.58 -24.88
CA ILE A 151 -9.90 -13.81 -24.86
C ILE A 151 -9.10 -12.57 -25.23
N PRO A 152 -9.38 -11.88 -26.35
CA PRO A 152 -8.58 -10.68 -26.67
C PRO A 152 -8.63 -9.59 -25.62
N HIS A 153 -9.79 -9.36 -24.99
CA HIS A 153 -9.80 -8.30 -23.99
C HIS A 153 -9.00 -8.73 -22.76
N TYR A 154 -9.08 -10.01 -22.42
CA TYR A 154 -8.38 -10.51 -21.24
C TYR A 154 -6.89 -10.25 -21.37
N THR A 155 -6.32 -10.58 -22.54
CA THR A 155 -4.89 -10.33 -22.58
C THR A 155 -4.55 -8.88 -22.86
N PHE A 156 -5.42 -8.14 -23.55
CA PHE A 156 -5.11 -6.72 -23.78
C PHE A 156 -4.90 -6.07 -22.41
N LEU A 157 -5.91 -6.24 -21.56
CA LEU A 157 -5.96 -5.71 -20.20
C LEU A 157 -4.77 -6.19 -19.37
N ASP A 158 -4.39 -7.46 -19.51
CA ASP A 158 -3.27 -7.94 -18.70
C ASP A 158 -1.94 -7.43 -19.22
N TYR A 159 -1.86 -7.11 -20.51
CA TYR A 159 -0.63 -6.55 -21.05
C TYR A 159 -0.42 -5.17 -20.44
N TYR A 160 -1.47 -4.35 -20.42
CA TYR A 160 -1.27 -3.03 -19.84
C TYR A 160 -1.12 -3.09 -18.32
N LYS A 161 -1.66 -4.15 -17.69
CA LYS A 161 -1.43 -4.35 -16.26
C LYS A 161 0.06 -4.54 -15.99
N HIS A 162 0.72 -5.29 -16.87
CA HIS A 162 2.15 -5.53 -16.73
C HIS A 162 2.94 -4.27 -17.04
N LEU A 163 2.51 -3.51 -18.05
CA LEU A 163 3.16 -2.25 -18.38
C LEU A 163 3.12 -1.30 -17.18
N SER A 164 1.93 -1.12 -16.60
CA SER A 164 1.71 -0.28 -15.42
C SER A 164 2.66 -0.65 -14.28
N TYR A 165 2.69 -1.94 -13.91
CA TYR A 165 3.57 -2.33 -12.81
C TYR A 165 5.04 -2.15 -13.15
N ASN A 166 5.49 -2.64 -14.31
CA ASN A 166 6.89 -2.43 -14.68
C ASN A 166 7.26 -0.95 -14.58
N SER A 167 6.35 -0.07 -15.01
CA SER A 167 6.58 1.37 -14.96
C SER A 167 6.76 1.89 -13.53
N ILE A 168 5.80 1.62 -12.64
CA ILE A 168 5.95 2.15 -11.28
C ILE A 168 7.14 1.52 -10.55
N TYR A 169 7.47 0.28 -10.87
CA TYR A 169 8.58 -0.40 -10.22
C TYR A 169 9.93 0.04 -10.76
N HIS A 170 9.95 0.58 -11.99
CA HIS A 170 11.19 1.02 -12.62
C HIS A 170 12.03 1.91 -11.72
N LYS A 171 11.43 2.92 -11.10
CA LYS A 171 12.20 3.79 -10.22
C LYS A 171 11.99 3.48 -8.74
N SER A 172 13.05 3.72 -7.98
CA SER A 172 13.08 3.49 -6.52
C SER A 172 11.95 4.18 -5.75
N SER A 173 11.62 5.43 -6.12
CA SER A 173 10.60 6.20 -5.41
C SER A 173 9.16 5.75 -5.68
N THR A 174 8.81 5.53 -6.94
CA THR A 174 7.43 5.26 -7.38
C THR A 174 6.89 3.90 -6.96
N TYR A 175 7.70 3.12 -6.26
CA TYR A 175 7.28 1.81 -5.79
C TYR A 175 6.00 1.93 -4.97
N GLY A 176 5.88 2.98 -4.16
CA GLY A 176 4.79 2.95 -3.21
C GLY A 176 3.41 3.02 -3.85
N LYS A 177 3.30 3.41 -5.14
CA LYS A 177 1.96 3.46 -5.70
C LYS A 177 1.42 2.08 -6.08
N CYS A 178 2.08 0.99 -5.66
CA CYS A 178 1.51 -0.33 -5.93
C CYS A 178 0.07 -0.44 -5.45
N ILE A 179 -0.27 0.20 -4.33
CA ILE A 179 -1.66 0.13 -3.86
C ILE A 179 -2.58 1.00 -4.72
N ALA A 180 -2.07 2.12 -5.25
CA ALA A 180 -2.91 2.94 -6.10
C ALA A 180 -3.16 2.29 -7.45
N VAL A 181 -2.17 1.59 -7.99
CA VAL A 181 -2.36 0.89 -9.27
C VAL A 181 -3.41 -0.19 -9.09
N ASP A 182 -3.23 -1.05 -8.10
CA ASP A 182 -4.21 -2.08 -7.79
C ASP A 182 -5.59 -1.46 -7.61
N ALA A 183 -5.66 -0.26 -7.04
CA ALA A 183 -6.97 0.36 -6.88
C ALA A 183 -7.56 0.72 -8.25
N PHE A 184 -6.74 1.27 -9.13
CA PHE A 184 -7.24 1.63 -10.46
C PHE A 184 -7.65 0.40 -11.27
N ILE A 185 -6.79 -0.62 -11.35
CA ILE A 185 -7.13 -1.80 -12.14
C ILE A 185 -8.39 -2.44 -11.59
N LYS A 186 -8.46 -2.69 -10.28
CA LYS A 186 -9.72 -3.28 -9.77
C LYS A 186 -10.93 -2.46 -10.07
N LYS A 187 -10.81 -1.14 -10.11
CA LYS A 187 -11.98 -0.37 -10.50
C LYS A 187 -12.34 -0.59 -11.95
N ILE A 188 -11.33 -0.80 -12.80
CA ILE A 188 -11.62 -1.03 -14.20
C ILE A 188 -12.24 -2.40 -14.34
N ASN A 189 -11.86 -3.35 -13.49
CA ASN A 189 -12.49 -4.65 -13.59
C ASN A 189 -13.93 -4.54 -13.15
N GLU A 190 -14.17 -3.82 -12.05
CA GLU A 190 -15.56 -3.67 -11.64
C GLU A 190 -16.37 -3.04 -12.76
N ALA A 191 -15.78 -2.08 -13.47
CA ALA A 191 -16.52 -1.45 -14.56
C ALA A 191 -16.72 -2.42 -15.70
N TYR A 192 -15.70 -3.21 -15.99
CA TYR A 192 -15.84 -4.21 -17.05
C TYR A 192 -16.87 -5.25 -16.65
N ASP A 193 -16.82 -5.70 -15.40
CA ASP A 193 -17.79 -6.69 -14.98
C ASP A 193 -19.20 -6.12 -14.98
N LYS A 194 -19.36 -4.81 -14.83
CA LYS A 194 -20.71 -4.26 -14.90
C LYS A 194 -21.29 -4.45 -16.30
N VAL A 195 -20.43 -4.40 -17.30
CA VAL A 195 -20.92 -4.56 -18.67
C VAL A 195 -21.27 -6.01 -18.90
N LYS A 196 -20.50 -6.91 -18.31
CA LYS A 196 -20.85 -8.31 -18.49
C LYS A 196 -22.12 -8.60 -17.73
N SER A 197 -22.26 -8.04 -16.52
CA SER A 197 -23.46 -8.30 -15.74
C SER A 197 -24.72 -7.84 -16.44
N LYS A 198 -24.59 -7.03 -17.50
CA LYS A 198 -25.79 -6.55 -18.20
C LYS A 198 -26.36 -7.60 -19.14
N CYS A 199 -25.80 -8.79 -19.10
CA CYS A 199 -26.26 -9.90 -19.90
C CYS A 199 -26.57 -11.12 -19.05
N ASN A 200 -26.47 -10.99 -17.71
CA ASN A 200 -26.73 -12.14 -16.83
C ASN A 200 -28.08 -12.81 -17.06
N ASP A 201 -29.10 -12.07 -17.49
CA ASP A 201 -30.40 -12.71 -17.69
C ASP A 201 -30.33 -13.70 -18.84
N ILE A 202 -29.73 -13.30 -19.95
CA ILE A 202 -29.63 -14.22 -21.07
C ILE A 202 -28.76 -15.40 -20.66
N LYS A 203 -27.76 -15.13 -19.82
CA LYS A 203 -26.90 -16.20 -19.37
C LYS A 203 -27.67 -17.18 -18.51
N ASN A 204 -28.51 -16.67 -17.60
CA ASN A 204 -29.31 -17.58 -16.79
C ASN A 204 -30.31 -18.33 -17.66
N ASP A 205 -30.72 -17.69 -18.76
CA ASP A 205 -31.65 -18.32 -19.68
C ASP A 205 -30.99 -19.51 -20.33
N LEU A 206 -29.69 -19.42 -20.57
CA LEU A 206 -28.96 -20.53 -21.16
C LEU A 206 -28.68 -21.60 -20.12
N ILE A 207 -28.40 -21.20 -18.87
CA ILE A 207 -28.09 -22.18 -17.83
C ILE A 207 -29.25 -23.16 -17.66
N ALA A 208 -30.47 -22.64 -17.58
CA ALA A 208 -31.62 -23.52 -17.43
C ALA A 208 -31.78 -24.45 -18.63
N THR A 209 -31.40 -23.98 -19.82
CA THR A 209 -31.53 -24.84 -20.99
C THR A 209 -30.50 -25.96 -20.91
N ILE A 210 -29.30 -25.63 -20.45
CA ILE A 210 -28.30 -26.67 -20.28
C ILE A 210 -28.75 -27.59 -19.16
N LYS A 211 -29.38 -27.01 -18.13
CA LYS A 211 -29.92 -27.79 -17.04
C LYS A 211 -30.90 -28.84 -17.57
N LYS A 212 -31.70 -28.48 -18.56
CA LYS A 212 -32.65 -29.41 -19.13
C LYS A 212 -31.91 -30.51 -19.92
N LEU A 213 -30.91 -30.12 -20.69
CA LEU A 213 -30.13 -31.06 -21.50
C LEU A 213 -29.34 -32.09 -20.70
N GLU A 214 -28.49 -31.61 -19.78
CA GLU A 214 -27.67 -32.48 -18.95
C GLU A 214 -28.44 -33.41 -18.02
N HIS A 215 -29.60 -32.96 -17.55
CA HIS A 215 -30.42 -33.77 -16.65
C HIS A 215 -31.79 -34.06 -17.23
N PRO A 216 -31.85 -35.14 -18.08
CA PRO A 216 -33.19 -35.40 -18.64
C PRO A 216 -34.08 -36.22 -17.71
N TYR A 217 -34.50 -35.61 -16.60
CA TYR A 217 -35.38 -36.26 -15.64
C TYR A 217 -36.10 -35.23 -14.76
N ASN A 272 -41.50 -38.32 -23.64
CA ASN A 272 -41.59 -36.91 -23.28
C ASN A 272 -41.08 -36.06 -24.44
N ARG A 273 -40.28 -35.04 -24.13
CA ARG A 273 -39.69 -34.17 -25.13
C ARG A 273 -38.55 -34.90 -25.84
N THR A 274 -38.04 -34.31 -26.93
CA THR A 274 -36.94 -34.90 -27.69
C THR A 274 -35.73 -33.99 -27.84
N PHE A 275 -34.63 -34.64 -28.20
CA PHE A 275 -33.34 -34.01 -28.46
C PHE A 275 -33.41 -32.95 -29.55
N LYS A 276 -34.39 -33.04 -30.46
CA LYS A 276 -34.55 -32.02 -31.50
C LYS A 276 -34.96 -30.67 -30.90
N LYS A 277 -36.05 -30.68 -30.13
CA LYS A 277 -36.54 -29.46 -29.49
C LYS A 277 -35.48 -28.88 -28.56
N MET A 278 -34.83 -29.76 -27.80
CA MET A 278 -33.85 -29.37 -26.80
C MET A 278 -32.57 -28.82 -27.42
N MET A 279 -32.07 -29.50 -28.46
CA MET A 279 -30.84 -29.07 -29.11
C MET A 279 -31.02 -27.76 -29.85
N ASP A 280 -32.18 -27.57 -30.50
CA ASP A 280 -32.41 -26.31 -31.20
C ASP A 280 -32.63 -25.18 -30.18
N GLU A 281 -33.20 -25.53 -29.02
CA GLU A 281 -33.38 -24.55 -27.96
C GLU A 281 -32.03 -24.07 -27.46
N TYR A 282 -31.12 -25.02 -27.21
CA TYR A 282 -29.79 -24.71 -26.71
C TYR A 282 -29.03 -23.82 -27.70
N ASN A 283 -29.10 -24.14 -29.00
CA ASN A 283 -28.39 -23.31 -29.96
C ASN A 283 -28.96 -21.90 -30.05
N THR A 284 -30.27 -21.73 -29.88
CA THR A 284 -30.81 -20.38 -29.94
C THR A 284 -30.41 -19.55 -28.73
N LYS A 285 -30.49 -20.13 -27.53
CA LYS A 285 -30.10 -19.38 -26.33
C LYS A 285 -28.60 -19.03 -26.35
N LYS A 286 -27.78 -19.90 -26.94
CA LYS A 286 -26.35 -19.65 -27.05
C LYS A 286 -26.08 -18.49 -28.01
N LYS A 287 -26.72 -18.52 -29.18
CA LYS A 287 -26.53 -17.45 -30.15
C LYS A 287 -27.08 -16.13 -29.62
N LYS A 288 -28.11 -16.20 -28.76
CA LYS A 288 -28.68 -14.99 -28.18
C LYS A 288 -27.70 -14.35 -27.22
N LEU A 289 -26.97 -15.17 -26.46
CA LEU A 289 -25.98 -14.63 -25.53
C LEU A 289 -24.85 -13.97 -26.32
N ILE A 290 -24.34 -14.67 -27.34
CA ILE A 290 -23.27 -14.10 -28.17
C ILE A 290 -23.73 -12.79 -28.83
N LYS A 291 -24.99 -12.72 -29.25
CA LYS A 291 -25.48 -11.46 -29.85
C LYS A 291 -25.55 -10.35 -28.81
N CYS A 292 -25.80 -10.70 -27.54
CA CYS A 292 -25.81 -9.68 -26.52
C CYS A 292 -24.40 -9.14 -26.31
N ILE A 293 -23.40 -10.02 -26.37
CA ILE A 293 -22.03 -9.57 -26.20
C ILE A 293 -21.60 -8.69 -27.38
N LYS A 294 -22.08 -9.02 -28.59
CA LYS A 294 -21.73 -8.20 -29.75
C LYS A 294 -22.33 -6.80 -29.64
N ASN A 295 -23.54 -6.69 -29.10
CA ASN A 295 -24.18 -5.39 -28.97
C ASN A 295 -23.47 -4.49 -27.97
N HIS A 296 -22.81 -5.08 -26.96
CA HIS A 296 -22.11 -4.30 -25.94
C HIS A 296 -20.61 -4.16 -26.19
N GLU A 297 -20.13 -4.50 -27.38
CA GLU A 297 -18.68 -4.44 -27.63
C GLU A 297 -18.12 -3.03 -27.48
N ASN A 298 -18.84 -2.00 -27.92
CA ASN A 298 -18.34 -0.64 -27.77
C ASN A 298 -18.14 -0.24 -26.30
N ASP A 299 -19.02 -0.73 -25.41
CA ASP A 299 -18.85 -0.44 -23.99
C ASP A 299 -17.61 -1.15 -23.43
N PHE A 300 -17.30 -2.34 -23.95
CA PHE A 300 -16.11 -3.05 -23.48
C PHE A 300 -14.87 -2.33 -24.00
N ASN A 301 -14.92 -1.92 -25.27
CA ASN A 301 -13.82 -1.24 -25.92
C ASN A 301 -13.45 0.04 -25.19
N LYS A 302 -14.44 0.75 -24.63
CA LYS A 302 -14.09 1.98 -23.92
C LYS A 302 -13.26 1.68 -22.66
N ILE A 303 -13.66 0.67 -21.89
CA ILE A 303 -12.92 0.31 -20.68
C ILE A 303 -11.49 -0.13 -21.02
N CYS A 304 -11.36 -0.95 -22.08
CA CYS A 304 -10.02 -1.37 -22.51
C CYS A 304 -9.18 -0.17 -22.93
N MET A 305 -9.77 0.77 -23.66
CA MET A 305 -9.04 1.97 -24.05
C MET A 305 -8.63 2.77 -22.82
N ASP A 306 -9.49 2.84 -21.79
CA ASP A 306 -9.13 3.54 -20.56
C ASP A 306 -7.90 2.90 -19.90
N MET A 307 -7.78 1.58 -20.02
CA MET A 307 -6.62 0.91 -19.42
C MET A 307 -5.38 1.16 -20.25
N LYS A 308 -5.50 1.12 -21.58
CA LYS A 308 -4.37 1.44 -22.44
C LYS A 308 -3.87 2.85 -22.17
N ASN A 309 -4.78 3.81 -22.07
CA ASN A 309 -4.40 5.20 -21.81
C ASN A 309 -3.66 5.33 -20.47
N TYR A 310 -4.23 4.77 -19.41
CA TYR A 310 -3.58 4.84 -18.09
C TYR A 310 -2.17 4.25 -18.13
N GLY A 311 -2.06 3.00 -18.61
CA GLY A 311 -0.78 2.32 -18.65
C GLY A 311 0.25 3.00 -19.54
N THR A 312 -0.16 3.40 -20.74
CA THR A 312 0.80 4.05 -21.64
C THR A 312 1.15 5.43 -21.14
N ASN A 313 0.25 6.08 -20.38
CA ASN A 313 0.62 7.37 -19.79
C ASN A 313 1.73 7.17 -18.79
N LEU A 314 1.61 6.13 -17.96
CA LEU A 314 2.64 5.84 -16.97
C LEU A 314 3.94 5.39 -17.63
N PHE A 315 3.84 4.73 -18.77
CA PHE A 315 4.99 4.22 -19.51
C PHE A 315 5.71 5.35 -20.26
N GLU A 316 4.96 6.25 -20.88
CA GLU A 316 5.54 7.39 -21.59
C GLU A 316 6.40 8.23 -20.67
N GLN A 317 5.94 8.47 -19.44
CA GLN A 317 6.61 9.26 -18.42
C GLN A 317 7.73 8.48 -17.72
N LEU A 318 8.11 7.32 -18.25
CA LEU A 318 9.18 6.50 -17.70
C LEU A 318 10.52 7.16 -17.95
N SER A 319 11.19 7.58 -16.87
CA SER A 319 12.44 8.31 -16.95
C SER A 319 13.57 7.48 -16.35
N CYS A 320 14.79 7.75 -16.79
CA CYS A 320 15.96 7.06 -16.30
C CYS A 320 16.97 7.98 -15.61
N TYR A 321 17.79 7.33 -14.77
CA TYR A 321 18.83 7.98 -14.00
C TYR A 321 19.89 8.55 -14.93
N ASN A 322 20.28 7.74 -15.91
CA ASN A 322 21.19 8.07 -16.99
C ASN A 322 20.61 7.27 -18.15
N ASN A 323 20.15 7.99 -19.17
CA ASN A 323 19.44 7.38 -20.30
C ASN A 323 20.24 6.30 -21.01
N ASN A 324 21.57 6.36 -20.97
CA ASN A 324 22.36 5.34 -21.62
C ASN A 324 22.69 4.15 -20.72
N PHE A 325 22.34 4.21 -19.43
CA PHE A 325 22.58 3.12 -18.47
C PHE A 325 21.35 2.92 -17.57
N CYS A 326 20.29 2.38 -18.16
CA CYS A 326 19.06 2.10 -17.42
C CYS A 326 19.17 0.77 -16.68
N ASN A 327 18.81 0.80 -15.39
CA ASN A 327 18.83 -0.40 -14.56
C ASN A 327 17.67 -1.33 -14.88
N THR A 328 17.95 -2.62 -14.94
CA THR A 328 16.94 -3.63 -15.25
C THR A 328 16.43 -4.35 -14.01
N ASN A 329 16.64 -3.77 -12.82
CA ASN A 329 16.12 -4.39 -11.62
C ASN A 329 14.61 -4.21 -11.51
N GLY A 330 14.04 -3.31 -12.33
CA GLY A 330 12.60 -3.19 -12.42
C GLY A 330 12.01 -4.46 -13.00
N ILE A 331 12.65 -4.96 -14.08
CA ILE A 331 12.23 -6.20 -14.72
C ILE A 331 12.46 -7.36 -13.77
N ARG A 332 13.61 -7.38 -13.08
CA ARG A 332 13.83 -8.47 -12.13
C ARG A 332 12.79 -8.46 -11.04
N TYR A 333 12.49 -7.30 -10.46
CA TYR A 333 11.50 -7.30 -9.39
C TYR A 333 10.17 -7.81 -9.97
N HIS A 334 9.70 -7.14 -11.02
CA HIS A 334 8.40 -7.48 -11.62
C HIS A 334 8.27 -8.99 -11.89
N TYR A 335 9.29 -9.57 -12.53
CA TYR A 335 9.26 -11.01 -12.79
C TYR A 335 9.19 -11.80 -11.49
N ASP A 336 10.10 -11.49 -10.55
CA ASP A 336 10.19 -12.24 -9.30
C ASP A 336 8.93 -12.17 -8.44
N GLU A 337 8.20 -11.05 -8.46
CA GLU A 337 6.97 -10.97 -7.66
C GLU A 337 5.69 -11.23 -8.43
N TYR A 338 5.70 -11.05 -9.74
CA TYR A 338 4.50 -11.28 -10.54
C TYR A 338 4.55 -12.47 -11.50
N ILE A 339 5.72 -12.97 -11.90
CA ILE A 339 5.62 -14.09 -12.82
C ILE A 339 6.34 -15.38 -12.43
N HIS A 340 7.41 -15.32 -11.63
CA HIS A 340 8.11 -16.55 -11.24
C HIS A 340 7.17 -17.60 -10.66
N LYS A 341 6.45 -17.21 -9.59
CA LYS A 341 5.69 -18.17 -8.81
C LYS A 341 4.82 -19.00 -9.73
N LEU A 342 4.36 -18.38 -10.82
CA LEU A 342 3.56 -19.11 -11.79
C LEU A 342 4.41 -20.11 -12.54
N ILE A 343 5.55 -19.65 -13.10
CA ILE A 343 6.30 -20.54 -13.99
C ILE A 343 6.58 -21.85 -13.25
N LEU A 344 6.86 -21.71 -11.94
CA LEU A 344 7.11 -22.87 -11.10
C LEU A 344 5.83 -23.67 -10.88
N SER A 345 4.73 -22.97 -10.57
CA SER A 345 3.41 -23.59 -10.41
C SER A 345 3.03 -24.42 -11.63
N VAL A 346 3.25 -23.86 -12.81
CA VAL A 346 2.92 -24.50 -14.08
C VAL A 346 3.74 -25.77 -14.25
N LYS A 347 5.05 -25.72 -13.94
CA LYS A 347 5.82 -26.94 -14.12
C LYS A 347 5.49 -28.00 -13.06
N SER A 348 4.92 -27.57 -11.93
CA SER A 348 4.51 -28.42 -10.81
C SER A 348 3.39 -29.44 -11.10
N LYS A 349 2.42 -29.10 -11.95
CA LYS A 349 1.30 -30.02 -12.20
C LYS A 349 1.43 -30.94 -13.40
N ASN A 350 2.51 -30.86 -14.16
CA ASN A 350 2.76 -31.68 -15.34
C ASN A 350 1.55 -31.66 -16.28
N LEU A 351 1.41 -30.51 -16.93
CA LEU A 351 0.32 -30.21 -17.86
C LEU A 351 -0.10 -31.37 -18.74
N ASN A 352 0.88 -32.03 -19.35
CA ASN A 352 0.62 -32.96 -20.43
C ASN A 352 0.20 -34.33 -19.91
N LYS A 353 0.27 -34.53 -18.60
CA LYS A 353 -0.16 -35.79 -18.04
C LYS A 353 -1.65 -35.69 -17.85
N ASP A 354 -2.08 -34.48 -17.50
CA ASP A 354 -3.46 -34.06 -17.31
C ASP A 354 -4.25 -34.16 -18.60
N LEU A 355 -3.58 -34.16 -19.75
CA LEU A 355 -4.22 -34.41 -21.03
C LEU A 355 -4.19 -35.89 -21.42
N SER A 356 -3.12 -36.61 -21.05
CA SER A 356 -3.09 -38.04 -21.32
C SER A 356 -4.18 -38.74 -20.52
N ASP A 357 -4.45 -38.25 -19.31
CA ASP A 357 -5.52 -38.83 -18.52
C ASP A 357 -6.86 -38.45 -19.15
N MET A 358 -7.01 -37.19 -19.57
CA MET A 358 -8.27 -36.77 -20.15
C MET A 358 -8.62 -37.65 -21.35
N THR A 359 -7.63 -37.88 -22.23
CA THR A 359 -7.85 -38.77 -23.37
C THR A 359 -8.23 -40.17 -22.89
N ASN A 360 -7.57 -40.64 -21.83
CA ASN A 360 -7.89 -41.96 -21.29
C ASN A 360 -9.36 -42.04 -20.89
N ILE A 361 -9.85 -41.01 -20.19
CA ILE A 361 -11.25 -40.97 -19.78
C ILE A 361 -12.17 -40.96 -21.00
N LEU A 362 -11.83 -40.17 -22.03
CA LEU A 362 -12.69 -40.12 -23.21
C LEU A 362 -12.73 -41.45 -23.94
N GLN A 363 -11.58 -42.12 -24.07
CA GLN A 363 -11.56 -43.44 -24.69
C GLN A 363 -12.48 -44.37 -23.90
N GLN A 364 -12.32 -44.35 -22.58
CA GLN A 364 -13.07 -45.28 -21.74
C GLN A 364 -14.57 -45.04 -21.90
N SER A 365 -14.99 -43.78 -22.01
CA SER A 365 -16.41 -43.51 -22.19
C SER A 365 -16.91 -43.94 -23.57
N GLU A 366 -16.03 -43.92 -24.58
CA GLU A 366 -16.44 -44.43 -25.89
C GLU A 366 -16.70 -45.93 -25.83
N LEU A 367 -15.81 -46.64 -25.14
CA LEU A 367 -15.95 -48.09 -25.02
C LEU A 367 -17.12 -48.45 -24.11
N LEU A 368 -17.24 -47.80 -22.95
CA LEU A 368 -18.32 -48.13 -22.04
C LEU A 368 -19.68 -47.71 -22.58
N LEU A 369 -19.73 -46.78 -23.54
CA LEU A 369 -21.03 -46.48 -24.11
C LEU A 369 -21.39 -47.59 -25.08
N THR A 370 -20.46 -47.91 -25.99
CA THR A 370 -20.72 -48.96 -26.97
C THR A 370 -20.96 -50.30 -26.27
N ASN A 371 -20.03 -50.71 -25.39
CA ASN A 371 -20.17 -51.96 -24.66
C ASN A 371 -21.43 -52.02 -23.81
N LEU A 372 -22.16 -50.91 -23.67
CA LEU A 372 -23.41 -50.91 -22.91
C LEU A 372 -24.65 -50.82 -23.78
N ASN A 373 -24.51 -50.25 -24.99
CA ASN A 373 -25.62 -50.10 -25.94
C ASN A 373 -26.01 -51.42 -26.61
N LYS A 374 -27.02 -52.09 -26.04
CA LYS A 374 -27.49 -53.35 -26.57
C LYS A 374 -28.98 -53.34 -26.91
N LYS A 375 -29.65 -52.21 -26.66
CA LYS A 375 -31.08 -52.09 -26.94
C LYS A 375 -31.62 -50.68 -27.08
N MET A 376 -32.94 -50.61 -27.13
CA MET A 376 -33.70 -49.38 -27.26
C MET A 376 -34.54 -49.23 -26.00
N GLY A 377 -35.31 -48.16 -25.91
CA GLY A 377 -36.11 -47.91 -24.73
C GLY A 377 -35.26 -46.95 -23.93
N SER A 378 -34.27 -47.47 -23.20
CA SER A 378 -33.37 -46.60 -22.46
C SER A 378 -32.56 -45.87 -23.52
N TYR A 379 -33.15 -44.83 -24.10
CA TYR A 379 -32.51 -44.04 -25.16
C TYR A 379 -32.22 -42.60 -24.92
N ILE A 380 -33.17 -41.90 -24.34
CA ILE A 380 -32.96 -40.47 -24.04
C ILE A 380 -31.58 -40.21 -23.42
N TYR A 381 -31.08 -41.18 -22.66
CA TYR A 381 -29.80 -41.01 -21.99
C TYR A 381 -28.65 -41.36 -22.92
N ILE A 382 -28.84 -42.24 -23.90
CA ILE A 382 -27.77 -42.47 -24.86
C ILE A 382 -27.49 -41.17 -25.61
N ASP A 383 -28.56 -40.45 -25.98
CA ASP A 383 -28.41 -39.18 -26.69
C ASP A 383 -27.69 -38.16 -25.82
N THR A 384 -28.11 -38.03 -24.55
CA THR A 384 -27.44 -37.04 -23.71
C THR A 384 -26.01 -37.42 -23.36
N ILE A 385 -25.72 -38.71 -23.19
CA ILE A 385 -24.35 -39.12 -22.92
C ILE A 385 -23.47 -38.78 -24.12
N LYS A 386 -23.94 -39.06 -25.33
CA LYS A 386 -23.14 -38.68 -26.49
C LYS A 386 -22.87 -37.19 -26.44
N PHE A 387 -23.92 -36.38 -26.25
CA PHE A 387 -23.77 -34.93 -26.23
C PHE A 387 -22.69 -34.50 -25.25
N ILE A 388 -22.73 -35.03 -24.02
CA ILE A 388 -21.73 -34.68 -23.01
C ILE A 388 -20.34 -35.12 -23.47
N HIS A 389 -20.23 -36.30 -24.06
CA HIS A 389 -18.95 -36.76 -24.60
C HIS A 389 -18.41 -35.78 -25.63
N LYS A 390 -19.26 -35.28 -26.52
CA LYS A 390 -18.81 -34.32 -27.52
C LYS A 390 -18.31 -33.05 -26.85
N GLU A 391 -19.15 -32.45 -26.00
CA GLU A 391 -18.76 -31.20 -25.36
C GLU A 391 -17.47 -31.35 -24.56
N MET A 392 -17.27 -32.55 -23.98
CA MET A 392 -16.04 -32.85 -23.26
C MET A 392 -14.85 -32.90 -24.20
N LYS A 393 -15.03 -33.40 -25.44
CA LYS A 393 -13.89 -33.37 -26.33
C LYS A 393 -13.60 -31.94 -26.76
N HIS A 394 -14.65 -31.13 -26.95
CA HIS A 394 -14.45 -29.76 -27.39
C HIS A 394 -13.59 -29.05 -26.34
N ILE A 395 -13.98 -29.21 -25.07
CA ILE A 395 -13.25 -28.63 -23.95
C ILE A 395 -11.82 -29.14 -23.99
N PHE A 396 -11.65 -30.45 -24.24
CA PHE A 396 -10.34 -31.05 -24.29
C PHE A 396 -9.46 -30.38 -25.34
N ASN A 397 -9.99 -30.21 -26.55
CA ASN A 397 -9.26 -29.57 -27.64
C ASN A 397 -8.82 -28.18 -27.24
N ARG A 398 -9.61 -27.50 -26.41
CA ARG A 398 -9.13 -26.20 -25.97
C ARG A 398 -7.92 -26.44 -25.07
N ILE A 399 -8.14 -27.09 -23.92
CA ILE A 399 -7.08 -27.35 -22.95
C ILE A 399 -5.79 -27.73 -23.66
N GLU A 400 -5.92 -28.60 -24.67
CA GLU A 400 -4.80 -29.01 -25.53
C GLU A 400 -4.08 -27.82 -26.14
N TYR A 401 -4.85 -26.92 -26.76
CA TYR A 401 -4.28 -25.73 -27.37
C TYR A 401 -3.60 -24.84 -26.34
N HIS A 402 -4.29 -24.55 -25.24
CA HIS A 402 -3.73 -23.67 -24.22
C HIS A 402 -2.46 -24.27 -23.60
N THR A 403 -2.48 -25.57 -23.29
CA THR A 403 -1.28 -26.16 -22.71
C THR A 403 -0.13 -26.04 -23.69
N LYS A 404 -0.41 -26.12 -25.00
CA LYS A 404 0.63 -25.94 -25.99
C LYS A 404 1.26 -24.54 -25.87
N ILE A 405 0.41 -23.51 -25.76
CA ILE A 405 0.97 -22.15 -25.63
C ILE A 405 1.70 -21.98 -24.32
N ILE A 406 1.16 -22.52 -23.23
CA ILE A 406 1.83 -22.41 -21.93
C ILE A 406 3.21 -23.05 -22.01
N ASN A 407 3.30 -24.23 -22.60
CA ASN A 407 4.59 -24.91 -22.76
C ASN A 407 5.59 -24.07 -23.53
N ASP A 408 5.19 -23.49 -24.67
CA ASP A 408 6.21 -22.76 -25.40
C ASP A 408 6.51 -21.37 -24.81
N LYS A 409 5.53 -20.73 -24.17
CA LYS A 409 5.77 -19.44 -23.54
C LYS A 409 6.59 -19.56 -22.26
N THR A 410 6.44 -20.65 -21.51
CA THR A 410 7.28 -20.82 -20.32
C THR A 410 8.76 -20.88 -20.71
N LYS A 411 9.04 -21.51 -21.85
CA LYS A 411 10.43 -21.60 -22.32
C LYS A 411 10.89 -20.26 -22.84
N ILE A 412 10.09 -19.62 -23.70
CA ILE A 412 10.49 -18.31 -24.23
C ILE A 412 10.74 -17.33 -23.07
N ILE A 413 9.79 -17.27 -22.13
CA ILE A 413 9.89 -16.37 -20.98
C ILE A 413 11.18 -16.61 -20.21
N GLN A 414 11.49 -17.87 -19.86
CA GLN A 414 12.76 -18.07 -19.16
C GLN A 414 13.93 -17.67 -20.06
N ASP A 415 13.88 -18.03 -21.33
CA ASP A 415 15.01 -17.77 -22.23
C ASP A 415 15.32 -16.27 -22.26
N LYS A 416 14.28 -15.46 -22.49
CA LYS A 416 14.41 -14.01 -22.61
C LYS A 416 14.76 -13.34 -21.28
N ILE A 417 14.11 -13.75 -20.19
CA ILE A 417 14.36 -13.12 -18.89
C ILE A 417 15.84 -13.21 -18.53
N LYS A 418 16.53 -14.26 -18.97
CA LYS A 418 17.96 -14.39 -18.72
C LYS A 418 18.77 -13.24 -19.31
N LEU A 419 18.30 -12.65 -20.41
CA LEU A 419 19.02 -11.59 -21.10
C LEU A 419 18.73 -10.17 -20.63
N ASN A 420 17.59 -9.93 -19.98
CA ASN A 420 17.19 -8.59 -19.55
C ASN A 420 17.21 -8.39 -18.04
N ILE A 421 18.09 -9.10 -17.32
CA ILE A 421 18.03 -9.13 -15.85
C ILE A 421 19.22 -8.45 -15.17
N TRP A 422 20.45 -8.85 -15.49
CA TRP A 422 21.63 -8.42 -14.74
C TRP A 422 22.47 -7.32 -15.39
N ARG A 423 21.89 -6.51 -16.27
CA ARG A 423 22.73 -5.53 -16.95
C ARG A 423 22.03 -4.18 -17.08
N THR A 424 22.46 -3.37 -18.04
CA THR A 424 21.78 -2.11 -18.36
C THR A 424 21.47 -2.01 -19.84
N PHE A 425 20.60 -1.07 -20.17
CA PHE A 425 20.21 -0.81 -21.56
C PHE A 425 20.07 0.69 -21.78
N GLN A 426 20.15 1.10 -23.03
CA GLN A 426 19.82 2.49 -23.34
C GLN A 426 18.30 2.58 -23.28
N LYS A 427 17.79 3.74 -22.87
CA LYS A 427 16.34 3.92 -22.71
C LYS A 427 15.56 3.20 -23.79
N ASP A 428 15.83 3.50 -25.08
CA ASP A 428 15.04 2.92 -26.16
C ASP A 428 14.98 1.39 -26.04
N GLU A 429 16.14 0.76 -25.82
CA GLU A 429 16.20 -0.69 -25.75
C GLU A 429 15.48 -1.21 -24.51
N LEU A 430 15.60 -0.48 -23.40
CA LEU A 430 14.90 -0.84 -22.16
C LEU A 430 13.40 -0.86 -22.36
N LEU A 431 12.86 0.17 -23.02
CA LEU A 431 11.42 0.25 -23.29
C LEU A 431 10.99 -0.87 -24.24
N LYS A 432 11.72 -1.06 -25.33
CA LYS A 432 11.40 -2.14 -26.26
C LYS A 432 11.42 -3.49 -25.56
N ARG A 433 12.36 -3.67 -24.62
CA ARG A 433 12.49 -4.91 -23.88
C ARG A 433 11.30 -5.11 -22.94
N ILE A 434 10.86 -4.04 -22.28
CA ILE A 434 9.71 -4.13 -21.40
C ILE A 434 8.47 -4.53 -22.19
N LEU A 435 8.27 -3.89 -23.36
CA LEU A 435 7.10 -4.26 -24.16
C LEU A 435 7.15 -5.73 -24.57
N ASP A 436 8.34 -6.21 -24.94
CA ASP A 436 8.45 -7.60 -25.39
C ASP A 436 8.15 -8.58 -24.26
N MET A 437 8.68 -8.30 -23.07
CA MET A 437 8.42 -9.16 -21.92
C MET A 437 6.93 -9.13 -21.57
N SER A 438 6.34 -7.94 -21.52
CA SER A 438 4.93 -7.79 -21.19
C SER A 438 4.04 -8.55 -22.18
N ASN A 439 4.41 -8.57 -23.45
CA ASN A 439 3.63 -9.33 -24.44
C ASN A 439 3.69 -10.82 -24.10
N GLU A 440 4.89 -11.31 -23.82
CA GLU A 440 5.08 -12.71 -23.47
C GLU A 440 4.28 -13.08 -22.22
N TYR A 441 4.39 -12.28 -21.15
CA TYR A 441 3.65 -12.61 -19.94
C TYR A 441 2.15 -12.57 -20.21
N SER A 442 1.68 -11.49 -20.86
CA SER A 442 0.25 -11.30 -21.03
C SER A 442 -0.38 -12.53 -21.65
N LEU A 443 0.29 -13.07 -22.68
CA LEU A 443 -0.20 -14.27 -23.33
C LEU A 443 -0.17 -15.46 -22.37
N PHE A 444 1.00 -15.70 -21.76
CA PHE A 444 1.18 -16.87 -20.91
C PHE A 444 0.07 -16.93 -19.85
N ILE A 445 -0.13 -15.80 -19.18
CA ILE A 445 -1.10 -15.68 -18.10
C ILE A 445 -2.51 -15.96 -18.63
N THR A 446 -2.86 -15.34 -19.75
CA THR A 446 -4.19 -15.50 -20.34
C THR A 446 -4.53 -16.98 -20.54
N SER A 447 -3.69 -17.69 -21.31
CA SER A 447 -4.05 -19.08 -21.62
C SER A 447 -3.84 -20.00 -20.43
N ASP A 448 -3.08 -19.60 -19.41
CA ASP A 448 -3.00 -20.40 -18.20
C ASP A 448 -4.32 -20.33 -17.44
N HIS A 449 -4.83 -19.10 -17.27
CA HIS A 449 -6.12 -18.85 -16.64
C HIS A 449 -7.23 -19.66 -17.32
N LEU A 450 -7.26 -19.62 -18.65
CA LEU A 450 -8.32 -20.40 -19.30
C LEU A 450 -8.07 -21.88 -19.11
N ARG A 451 -6.80 -22.31 -19.21
CA ARG A 451 -6.51 -23.73 -19.17
C ARG A 451 -7.08 -24.34 -17.91
N GLN A 452 -6.93 -23.61 -16.80
CA GLN A 452 -7.48 -24.09 -15.54
C GLN A 452 -9.00 -24.10 -15.60
N MET A 453 -9.61 -23.01 -16.13
CA MET A 453 -11.07 -22.93 -16.03
C MET A 453 -11.73 -24.05 -16.84
N LEU A 454 -11.12 -24.41 -17.98
CA LEU A 454 -11.63 -25.47 -18.83
C LEU A 454 -11.39 -26.82 -18.18
N TYR A 455 -10.29 -26.94 -17.42
CA TYR A 455 -10.05 -28.19 -16.70
C TYR A 455 -11.20 -28.40 -15.71
N ASN A 456 -11.61 -27.29 -15.07
CA ASN A 456 -12.75 -27.31 -14.15
C ASN A 456 -14.00 -27.83 -14.88
N THR A 457 -14.30 -27.28 -16.05
CA THR A 457 -15.53 -27.67 -16.73
C THR A 457 -15.47 -29.09 -17.28
N PHE A 458 -14.26 -29.58 -17.58
CA PHE A 458 -14.14 -30.95 -18.09
C PHE A 458 -14.47 -31.93 -16.99
N TYR A 459 -14.01 -31.66 -15.77
CA TYR A 459 -14.38 -32.64 -14.76
C TYR A 459 -15.81 -32.43 -14.28
N SER A 460 -16.33 -31.19 -14.29
CA SER A 460 -17.72 -31.03 -13.87
C SER A 460 -18.61 -31.93 -14.73
N LYS A 461 -18.35 -31.92 -16.05
CA LYS A 461 -19.13 -32.74 -16.96
C LYS A 461 -18.80 -34.23 -16.81
N GLU A 462 -17.59 -34.54 -16.33
CA GLU A 462 -17.24 -35.94 -16.11
C GLU A 462 -18.03 -36.50 -14.93
N LYS A 463 -18.10 -35.73 -13.84
CA LYS A 463 -18.87 -36.18 -12.70
C LYS A 463 -20.32 -36.38 -13.11
N HIS A 464 -20.84 -35.50 -13.96
CA HIS A 464 -22.22 -35.73 -14.39
C HIS A 464 -22.36 -36.95 -15.29
N LEU A 465 -21.27 -37.38 -15.94
CA LEU A 465 -21.38 -38.61 -16.73
C LEU A 465 -21.53 -39.80 -15.81
N ASN A 466 -20.87 -39.79 -14.65
CA ASN A 466 -21.06 -40.93 -13.74
C ASN A 466 -22.52 -41.10 -13.34
N ASN A 467 -23.21 -39.98 -13.09
CA ASN A 467 -24.62 -40.04 -12.68
C ASN A 467 -25.51 -40.55 -13.80
N ILE A 468 -25.31 -40.03 -15.02
CA ILE A 468 -26.17 -40.48 -16.12
C ILE A 468 -25.90 -41.94 -16.45
N PHE A 469 -24.62 -42.38 -16.44
CA PHE A 469 -24.39 -43.79 -16.70
C PHE A 469 -25.13 -44.62 -15.66
N HIS A 470 -25.07 -44.20 -14.39
CA HIS A 470 -25.61 -45.04 -13.33
C HIS A 470 -27.12 -45.14 -13.49
N HIS A 471 -27.74 -44.03 -13.90
CA HIS A 471 -29.19 -43.98 -14.15
C HIS A 471 -29.56 -44.83 -15.36
N LEU A 472 -28.66 -44.94 -16.35
CA LEU A 472 -28.92 -45.76 -17.52
C LEU A 472 -29.02 -47.24 -17.16
N ILE A 473 -28.24 -47.69 -16.17
CA ILE A 473 -28.25 -49.08 -15.77
C ILE A 473 -29.50 -49.45 -15.00
N TYR A 474 -30.29 -48.46 -14.57
CA TYR A 474 -31.56 -48.81 -13.95
C TYR A 474 -32.54 -49.26 -15.03
N VAL A 475 -32.78 -48.43 -16.04
CA VAL A 475 -33.70 -48.77 -17.12
C VAL A 475 -33.03 -49.75 -18.06
N LEU A 476 -31.85 -50.25 -17.69
CA LEU A 476 -31.24 -51.33 -18.45
C LEU A 476 -32.01 -52.60 -18.16
N GLN A 477 -32.06 -52.98 -16.88
CA GLN A 477 -32.77 -54.18 -16.43
C GLN A 477 -34.21 -53.88 -16.02
N MET A 478 -34.82 -52.84 -16.61
CA MET A 478 -36.23 -52.52 -16.47
C MET A 478 -36.94 -52.95 -17.73
N LYS A 479 -36.25 -52.75 -18.85
CA LYS A 479 -36.65 -53.20 -20.16
C LYS A 479 -36.05 -54.58 -20.40
N PHE A 480 -35.04 -54.90 -19.58
CA PHE A 480 -34.30 -56.16 -19.55
C PHE A 480 -33.49 -56.39 -20.80
N GLU B 4 13.50 -21.06 8.00
CA GLU B 4 13.50 -21.03 6.53
C GLU B 4 14.87 -21.40 5.98
N VAL B 5 15.18 -20.85 4.81
CA VAL B 5 16.45 -21.10 4.15
C VAL B 5 17.53 -20.89 5.17
N GLN B 6 18.63 -21.63 5.05
CA GLN B 6 19.73 -21.53 5.99
C GLN B 6 21.04 -21.77 5.26
N LEU B 7 21.80 -20.69 5.08
CA LEU B 7 23.08 -20.77 4.40
C LEU B 7 24.19 -21.22 5.35
N VAL B 8 25.20 -21.89 4.81
CA VAL B 8 26.33 -22.34 5.62
C VAL B 8 27.58 -22.54 4.78
N GLN B 9 28.57 -21.66 4.94
CA GLN B 9 29.81 -21.78 4.20
C GLN B 9 30.29 -23.19 4.50
N SER B 10 31.31 -23.68 3.79
CA SER B 10 31.78 -25.03 4.08
C SER B 10 33.12 -25.26 4.77
N GLY B 11 34.06 -24.33 4.68
CA GLY B 11 35.33 -24.54 5.34
C GLY B 11 36.36 -23.45 5.27
N ALA B 12 37.40 -23.59 6.09
CA ALA B 12 38.49 -22.64 6.16
C ALA B 12 39.59 -23.07 5.19
N GLU B 13 40.63 -22.26 5.02
CA GLU B 13 41.70 -22.63 4.10
C GLU B 13 43.03 -21.95 4.37
N VAL B 14 44.06 -22.38 3.64
CA VAL B 14 45.41 -21.85 3.73
C VAL B 14 46.07 -22.20 2.41
N LYS B 15 46.46 -21.17 1.66
CA LYS B 15 46.97 -21.36 0.30
C LYS B 15 48.20 -20.50 0.07
N LYS B 16 48.95 -20.86 -1.02
CA LYS B 16 50.15 -20.11 -1.35
C LYS B 16 49.86 -19.14 -2.50
N PRO B 17 50.60 -18.03 -2.58
CA PRO B 17 50.44 -17.10 -3.70
C PRO B 17 50.38 -17.79 -5.06
N GLY B 18 49.45 -17.35 -5.90
CA GLY B 18 49.32 -17.92 -7.21
C GLY B 18 48.46 -19.16 -7.32
N SER B 19 48.11 -19.80 -6.20
CA SER B 19 47.23 -20.95 -6.27
C SER B 19 45.79 -20.49 -6.50
N SER B 20 44.86 -21.44 -6.39
CA SER B 20 43.43 -21.18 -6.56
C SER B 20 42.67 -21.81 -5.41
N VAL B 21 41.56 -21.18 -5.03
CA VAL B 21 40.75 -21.68 -3.93
C VAL B 21 39.29 -21.69 -4.35
N LYS B 22 38.54 -22.65 -3.81
CA LYS B 22 37.12 -22.78 -4.09
C LYS B 22 36.37 -22.96 -2.78
N VAL B 23 35.48 -22.03 -2.50
CA VAL B 23 34.69 -21.98 -1.28
C VAL B 23 33.27 -22.34 -1.67
N SER B 24 32.57 -23.08 -0.82
CA SER B 24 31.21 -23.47 -1.12
C SER B 24 30.25 -22.89 -0.10
N CYS B 25 28.99 -22.86 -0.51
CA CYS B 25 27.90 -22.23 0.24
C CYS B 25 26.67 -23.09 -0.04
N LYS B 26 26.16 -23.75 0.99
CA LYS B 26 25.11 -24.72 0.83
C LYS B 26 23.82 -24.25 1.50
N ALA B 27 22.76 -24.29 0.71
CA ALA B 27 21.41 -23.95 1.08
C ALA B 27 20.89 -25.14 1.89
N SER B 28 20.37 -24.87 3.08
CA SER B 28 19.88 -25.95 3.90
C SER B 28 18.37 -26.08 3.86
N GLY B 29 17.67 -25.13 3.26
CA GLY B 29 16.23 -25.30 3.13
C GLY B 29 15.98 -26.33 2.07
N GLY B 30 16.88 -26.39 1.08
CA GLY B 30 16.84 -27.32 -0.03
C GLY B 30 16.33 -26.81 -1.36
N THR B 31 16.09 -25.52 -1.51
CA THR B 31 15.55 -25.06 -2.78
C THR B 31 16.05 -23.72 -3.27
N PHE B 32 16.82 -23.74 -4.35
CA PHE B 32 17.35 -22.52 -4.92
C PHE B 32 16.25 -21.67 -5.52
N SER B 33 15.60 -20.88 -4.67
CA SER B 33 14.51 -20.01 -5.11
C SER B 33 14.98 -19.03 -6.17
N ASN B 34 14.07 -18.18 -6.64
CA ASN B 34 14.39 -17.18 -7.64
C ASN B 34 15.29 -16.08 -7.07
N TYR B 35 15.84 -16.32 -5.89
CA TYR B 35 16.70 -15.33 -5.26
C TYR B 35 18.16 -15.53 -5.59
N ALA B 36 18.95 -14.46 -5.50
CA ALA B 36 20.35 -14.62 -5.87
C ALA B 36 21.18 -14.93 -4.63
N ILE B 37 22.28 -15.64 -4.82
CA ILE B 37 23.27 -15.83 -3.76
C ILE B 37 24.49 -15.04 -4.22
N ASN B 38 24.93 -14.15 -3.35
CA ASN B 38 26.00 -13.19 -3.58
C ASN B 38 27.18 -13.49 -2.68
N TRP B 39 28.35 -13.05 -3.11
CA TRP B 39 29.59 -13.24 -2.37
C TRP B 39 30.18 -11.89 -2.04
N VAL B 40 30.55 -11.72 -0.78
CA VAL B 40 31.10 -10.47 -0.26
C VAL B 40 32.27 -10.86 0.62
N ARG B 41 33.38 -10.17 0.49
CA ARG B 41 34.55 -10.47 1.30
C ARG B 41 34.92 -9.28 2.18
N GLN B 42 35.71 -9.56 3.21
CA GLN B 42 36.29 -8.50 4.03
C GLN B 42 37.73 -8.86 4.39
N ALA B 43 38.67 -8.10 3.86
CA ALA B 43 40.05 -8.23 4.29
C ALA B 43 40.22 -7.51 5.61
N PRO B 44 41.21 -7.89 6.43
CA PRO B 44 41.43 -7.17 7.69
C PRO B 44 41.64 -5.69 7.37
N GLY B 45 40.95 -4.79 8.07
CA GLY B 45 41.14 -3.39 7.71
C GLY B 45 40.71 -2.97 6.31
N GLN B 46 39.64 -3.58 5.77
CA GLN B 46 39.17 -3.16 4.44
C GLN B 46 37.65 -3.05 4.30
N GLY B 47 36.85 -3.51 5.27
CA GLY B 47 35.41 -3.50 5.16
C GLY B 47 34.85 -4.55 4.23
N LEU B 48 33.52 -4.60 4.16
CA LEU B 48 32.86 -5.43 3.16
C LEU B 48 33.13 -4.94 1.74
N GLU B 49 33.32 -5.90 0.83
CA GLU B 49 33.53 -5.61 -0.59
C GLU B 49 32.70 -6.61 -1.38
N TRP B 50 31.79 -6.14 -2.22
CA TRP B 50 30.98 -7.07 -3.00
C TRP B 50 31.84 -7.64 -4.12
N MET B 51 31.73 -8.95 -4.35
CA MET B 51 32.50 -9.62 -5.39
C MET B 51 31.71 -10.01 -6.63
N GLY B 52 30.53 -10.57 -6.42
CA GLY B 52 29.69 -10.98 -7.52
C GLY B 52 28.51 -11.76 -6.96
N GLY B 53 27.64 -12.17 -7.85
CA GLY B 53 26.52 -12.99 -7.44
C GLY B 53 26.10 -13.88 -8.60
N ILE B 54 25.34 -14.90 -8.25
CA ILE B 54 24.75 -15.81 -9.22
C ILE B 54 23.29 -15.96 -8.85
N ILE B 55 22.45 -16.03 -9.87
CA ILE B 55 21.08 -16.48 -9.67
C ILE B 55 20.96 -17.94 -10.10
N PRO B 56 20.90 -18.83 -9.11
CA PRO B 56 21.03 -20.27 -9.37
C PRO B 56 20.07 -20.75 -10.44
N ILE B 57 18.77 -20.47 -10.27
CA ILE B 57 17.77 -21.10 -11.11
C ILE B 57 17.89 -20.65 -12.57
N PHE B 58 18.50 -19.50 -12.84
CA PHE B 58 18.75 -19.05 -14.21
C PHE B 58 20.22 -19.13 -14.65
N ALA B 59 21.15 -19.46 -13.74
CA ALA B 59 22.57 -19.63 -14.04
C ALA B 59 23.22 -18.37 -14.66
N THR B 60 22.70 -17.21 -14.28
CA THR B 60 23.23 -15.87 -14.60
C THR B 60 24.18 -15.35 -13.52
N THR B 61 25.33 -14.81 -13.93
CA THR B 61 26.32 -14.25 -13.00
C THR B 61 26.60 -12.77 -13.25
N ASN B 62 26.94 -12.07 -12.15
CA ASN B 62 27.42 -10.68 -12.12
C ASN B 62 28.68 -10.57 -11.27
N TYR B 63 29.63 -9.72 -11.68
CA TYR B 63 30.91 -9.59 -10.99
C TYR B 63 31.32 -8.15 -10.74
N ALA B 64 31.87 -7.88 -9.54
CA ALA B 64 32.43 -6.55 -9.27
C ALA B 64 33.59 -6.34 -10.24
N GLN B 65 33.68 -5.16 -10.83
CA GLN B 65 34.72 -5.01 -11.83
C GLN B 65 36.12 -5.30 -11.32
N LYS B 66 36.53 -4.68 -10.21
CA LYS B 66 37.91 -4.86 -9.74
C LYS B 66 38.31 -6.31 -9.47
N PHE B 67 37.35 -7.22 -9.28
CA PHE B 67 37.56 -8.66 -9.22
C PHE B 67 37.32 -9.49 -10.48
N GLN B 68 36.93 -8.89 -11.60
CA GLN B 68 36.15 -9.65 -12.59
C GLN B 68 36.95 -10.78 -13.23
N GLY B 69 38.21 -10.54 -13.56
CA GLY B 69 39.00 -11.55 -14.26
C GLY B 69 39.52 -12.67 -13.40
N ARG B 70 39.34 -12.58 -12.08
CA ARG B 70 39.91 -13.54 -11.14
C ARG B 70 38.88 -14.43 -10.45
N VAL B 71 37.62 -14.01 -10.37
CA VAL B 71 36.60 -14.78 -9.67
C VAL B 71 35.65 -15.41 -10.66
N THR B 72 35.31 -16.68 -10.40
CA THR B 72 34.28 -17.41 -11.14
C THR B 72 33.29 -17.98 -10.12
N ILE B 73 32.01 -17.66 -10.27
CA ILE B 73 30.97 -18.17 -9.39
C ILE B 73 30.10 -19.14 -10.17
N THR B 74 29.76 -20.27 -9.55
CA THR B 74 28.93 -21.30 -10.17
C THR B 74 27.94 -21.81 -9.14
N ALA B 75 27.10 -22.75 -9.55
CA ALA B 75 26.05 -23.24 -8.64
C ALA B 75 25.64 -24.66 -9.00
N ASP B 76 24.80 -25.21 -8.12
CA ASP B 76 24.39 -26.61 -8.11
C ASP B 76 22.88 -26.62 -7.94
N GLU B 77 22.16 -27.12 -8.95
CA GLU B 77 20.71 -27.16 -8.80
C GLU B 77 20.25 -28.39 -8.03
N SER B 78 20.98 -29.51 -8.16
CA SER B 78 20.57 -30.73 -7.49
C SER B 78 21.03 -30.77 -6.04
N THR B 79 22.32 -30.57 -5.80
CA THR B 79 22.88 -30.66 -4.46
C THR B 79 22.74 -29.37 -3.65
N SER B 80 22.08 -28.35 -4.21
CA SER B 80 21.77 -27.10 -3.49
C SER B 80 23.02 -26.50 -2.87
N THR B 81 23.91 -26.04 -3.74
CA THR B 81 25.19 -25.47 -3.29
C THR B 81 25.81 -24.63 -4.39
N ALA B 82 26.19 -23.40 -4.04
CA ALA B 82 26.92 -22.48 -4.90
C ALA B 82 28.40 -22.47 -4.53
N TYR B 83 29.22 -22.05 -5.49
CA TYR B 83 30.67 -22.07 -5.35
C TYR B 83 31.28 -20.76 -5.83
N MET B 84 32.34 -20.33 -5.16
CA MET B 84 33.16 -19.21 -5.57
C MET B 84 34.59 -19.70 -5.70
N GLU B 85 35.18 -19.47 -6.86
CA GLU B 85 36.57 -19.80 -7.14
C GLU B 85 37.40 -18.57 -7.45
N LEU B 86 38.51 -18.41 -6.74
CA LEU B 86 39.41 -17.29 -6.94
C LEU B 86 40.76 -17.87 -7.35
N SER B 87 41.28 -17.39 -8.48
N SER B 87 41.28 -17.40 -8.48
CA SER B 87 42.54 -17.86 -9.04
CA SER B 87 42.54 -17.88 -9.01
C SER B 87 43.60 -16.77 -8.94
C SER B 87 43.60 -16.78 -8.94
N SER B 88 44.86 -17.20 -8.99
CA SER B 88 46.01 -16.31 -8.89
C SER B 88 45.98 -15.51 -7.57
N LEU B 89 45.88 -16.25 -6.47
CA LEU B 89 45.76 -15.65 -5.14
C LEU B 89 46.96 -14.76 -4.82
N ARG B 90 46.68 -13.61 -4.22
CA ARG B 90 47.69 -12.66 -3.79
C ARG B 90 47.60 -12.48 -2.29
N SER B 91 48.63 -11.88 -1.69
CA SER B 91 48.63 -11.71 -0.25
C SER B 91 47.44 -10.88 0.20
N GLU B 92 47.10 -9.83 -0.56
CA GLU B 92 45.95 -8.98 -0.25
C GLU B 92 44.62 -9.71 -0.36
N ASP B 93 44.59 -10.98 -0.79
CA ASP B 93 43.36 -11.74 -0.79
C ASP B 93 43.08 -12.48 0.52
N THR B 94 43.99 -12.46 1.49
CA THR B 94 43.65 -12.95 2.81
C THR B 94 42.43 -12.20 3.31
N ALA B 95 41.38 -12.93 3.67
CA ALA B 95 40.13 -12.25 4.02
C ALA B 95 39.10 -13.28 4.49
N VAL B 96 37.97 -12.78 5.01
CA VAL B 96 36.80 -13.62 5.26
C VAL B 96 35.83 -13.48 4.10
N TYR B 97 35.35 -14.61 3.59
CA TYR B 97 34.47 -14.65 2.43
C TYR B 97 33.07 -15.09 2.87
N PHE B 98 32.07 -14.28 2.60
CA PHE B 98 30.68 -14.53 2.98
C PHE B 98 29.82 -14.82 1.75
N CYS B 99 28.89 -15.77 1.87
CA CYS B 99 27.76 -15.87 0.94
C CYS B 99 26.52 -15.26 1.58
N ALA B 100 25.62 -14.72 0.75
CA ALA B 100 24.38 -14.12 1.24
C ALA B 100 23.25 -14.18 0.23
N ARG B 101 22.03 -14.37 0.72
CA ARG B 101 20.89 -14.38 -0.16
C ARG B 101 20.23 -13.03 -0.11
N ASP B 102 19.79 -12.57 -1.26
CA ASP B 102 19.08 -11.31 -1.39
C ASP B 102 17.56 -11.55 -1.36
N LYS B 103 16.81 -10.48 -1.09
CA LYS B 103 15.36 -10.60 -0.90
C LYS B 103 14.65 -9.54 -1.75
N HIS B 104 13.88 -10.00 -2.75
CA HIS B 104 13.32 -9.08 -3.73
C HIS B 104 12.31 -8.12 -3.11
N SER B 105 11.53 -8.60 -2.13
CA SER B 105 10.55 -7.74 -1.49
C SER B 105 11.20 -6.68 -0.61
N TRP B 106 12.46 -6.89 -0.23
CA TRP B 106 13.21 -5.96 0.61
C TRP B 106 14.25 -5.19 -0.20
N SER B 107 13.88 -4.79 -1.41
CA SER B 107 14.80 -4.15 -2.36
C SER B 107 16.13 -4.90 -2.42
N TYR B 108 16.03 -6.22 -2.58
CA TYR B 108 17.18 -7.10 -2.85
C TYR B 108 18.30 -6.93 -1.83
N ALA B 109 17.95 -6.53 -0.61
CA ALA B 109 18.89 -6.54 0.51
C ALA B 109 19.30 -7.97 0.86
N PHE B 110 20.47 -8.10 1.46
CA PHE B 110 21.02 -9.39 1.88
C PHE B 110 20.55 -9.73 3.29
N ASP B 111 19.52 -10.58 3.38
CA ASP B 111 18.88 -10.87 4.65
C ASP B 111 19.37 -12.16 5.30
N ILE B 112 19.95 -13.08 4.54
CA ILE B 112 20.46 -14.33 5.08
C ILE B 112 21.92 -14.42 4.70
N TRP B 113 22.78 -14.69 5.69
CA TRP B 113 24.22 -14.73 5.47
C TRP B 113 24.81 -16.05 5.92
N GLY B 114 25.78 -16.56 5.16
CA GLY B 114 26.54 -17.69 5.65
C GLY B 114 27.42 -17.25 6.82
N GLN B 115 28.07 -18.23 7.45
CA GLN B 115 28.88 -17.94 8.63
C GLN B 115 30.29 -17.44 8.29
N GLY B 116 30.69 -17.51 7.04
CA GLY B 116 31.97 -16.99 6.57
C GLY B 116 33.04 -18.06 6.48
N THR B 117 33.96 -17.86 5.53
CA THR B 117 35.12 -18.73 5.34
C THR B 117 36.40 -17.90 5.35
N MET B 118 37.33 -18.24 6.24
CA MET B 118 38.62 -17.57 6.28
C MET B 118 39.54 -18.16 5.22
N VAL B 119 40.10 -17.30 4.36
CA VAL B 119 41.16 -17.71 3.45
C VAL B 119 42.43 -16.93 3.77
N THR B 120 43.49 -17.67 4.11
CA THR B 120 44.81 -17.12 4.40
C THR B 120 45.77 -17.47 3.26
N VAL B 121 46.43 -16.45 2.71
CA VAL B 121 47.40 -16.63 1.64
C VAL B 121 48.77 -16.25 2.20
N SER B 122 49.68 -17.21 2.30
CA SER B 122 51.01 -16.92 2.85
C SER B 122 52.05 -17.72 2.08
N SER B 123 53.29 -17.74 2.57
CA SER B 123 54.39 -18.30 1.80
C SER B 123 54.52 -19.81 1.94
N ALA B 124 55.13 -20.29 3.03
CA ALA B 124 55.42 -21.71 3.18
C ALA B 124 55.07 -22.12 4.62
N SER B 125 55.70 -23.20 5.10
CA SER B 125 55.41 -23.77 6.41
C SER B 125 56.70 -24.26 7.06
N THR B 126 56.84 -23.96 8.34
CA THR B 126 58.01 -24.38 9.13
C THR B 126 57.62 -24.68 10.57
N LYS B 127 58.59 -24.53 11.48
CA LYS B 127 58.39 -24.78 12.91
C LYS B 127 58.62 -23.51 13.72
N GLY B 128 59.87 -23.28 14.13
CA GLY B 128 60.26 -22.04 14.76
C GLY B 128 60.38 -22.07 16.28
N PRO B 129 61.28 -22.90 16.80
CA PRO B 129 61.49 -23.00 18.25
C PRO B 129 62.22 -21.80 18.84
N SER B 130 61.88 -20.56 18.51
CA SER B 130 62.31 -19.39 19.32
C SER B 130 61.42 -18.76 20.39
N VAL B 131 61.54 -19.21 21.65
CA VAL B 131 60.77 -18.63 22.75
C VAL B 131 61.80 -17.94 23.63
N PHE B 132 61.60 -16.66 23.93
CA PHE B 132 62.58 -15.94 24.76
C PHE B 132 61.96 -15.35 26.02
N PRO B 133 62.63 -15.48 27.18
CA PRO B 133 62.08 -14.85 28.39
C PRO B 133 62.28 -13.34 28.35
N LEU B 134 61.27 -12.61 28.83
CA LEU B 134 61.31 -11.16 28.98
C LEU B 134 61.37 -10.83 30.47
N ALA B 135 62.56 -10.43 30.93
CA ALA B 135 62.84 -10.38 32.36
C ALA B 135 62.05 -9.26 33.04
N PRO B 136 61.66 -9.45 34.30
CA PRO B 136 60.89 -8.41 35.02
C PRO B 136 61.52 -7.03 34.90
N SER B 137 60.67 -6.04 34.57
CA SER B 137 61.05 -4.64 34.57
C SER B 137 59.97 -3.83 35.27
N SER B 138 60.37 -2.69 35.82
CA SER B 138 59.45 -1.83 36.55
C SER B 138 58.37 -1.28 35.62
N LYS B 139 57.11 -1.31 36.10
CA LYS B 139 56.00 -0.71 35.36
C LYS B 139 55.44 0.52 36.07
N SER B 140 55.21 0.45 37.37
CA SER B 140 54.80 1.60 38.16
C SER B 140 55.60 1.56 39.44
N THR B 141 56.36 2.61 39.75
CA THR B 141 57.14 2.37 40.93
C THR B 141 56.35 2.68 42.19
N SER B 142 55.52 3.74 42.17
CA SER B 142 54.64 4.01 43.30
C SER B 142 53.79 2.80 43.67
N GLY B 143 53.30 2.09 42.66
CA GLY B 143 52.42 0.93 42.82
C GLY B 143 53.09 -0.36 43.20
N GLY B 144 54.40 -0.46 43.00
CA GLY B 144 55.13 -1.66 43.34
C GLY B 144 54.73 -2.75 42.36
N THR B 145 54.72 -2.43 41.07
CA THR B 145 54.27 -3.36 40.05
C THR B 145 55.33 -3.48 38.94
N ALA B 146 55.51 -4.71 38.47
CA ALA B 146 56.48 -5.03 37.43
C ALA B 146 55.79 -5.77 36.30
N ALA B 147 56.43 -5.78 35.14
CA ALA B 147 55.98 -6.48 33.95
C ALA B 147 57.04 -7.49 33.51
N LEU B 148 56.60 -8.71 33.18
CA LEU B 148 57.51 -9.70 32.62
C LEU B 148 56.76 -10.44 31.52
N GLY B 149 57.47 -11.16 30.66
CA GLY B 149 56.73 -11.84 29.63
C GLY B 149 57.51 -12.94 28.93
N CYS B 150 56.93 -13.41 27.83
CA CYS B 150 57.60 -14.30 26.89
C CYS B 150 57.41 -13.77 25.48
N LEU B 151 58.48 -13.81 24.68
CA LEU B 151 58.45 -13.50 23.27
C LEU B 151 58.39 -14.78 22.45
N VAL B 152 57.40 -14.89 21.58
CA VAL B 152 57.18 -16.07 20.75
C VAL B 152 57.52 -15.69 19.32
N LYS B 153 58.75 -15.96 18.95
CA LYS B 153 59.43 -15.45 17.77
C LYS B 153 59.47 -16.56 16.73
N ASP B 154 59.21 -16.18 15.48
CA ASP B 154 59.49 -16.98 14.28
C ASP B 154 58.72 -18.30 14.23
N TYR B 155 57.40 -18.23 14.26
CA TYR B 155 56.65 -19.47 14.10
C TYR B 155 55.80 -19.44 12.84
N PHE B 156 55.39 -20.61 12.38
CA PHE B 156 54.41 -20.66 11.31
C PHE B 156 53.69 -22.03 11.27
N PRO B 157 52.36 -22.05 11.02
CA PRO B 157 51.36 -20.99 10.88
C PRO B 157 50.77 -20.65 12.25
N GLU B 158 49.79 -19.75 12.28
CA GLU B 158 48.89 -19.58 13.42
C GLU B 158 48.03 -20.83 13.64
N PRO B 159 47.46 -20.99 14.86
CA PRO B 159 47.58 -20.10 16.02
C PRO B 159 48.48 -20.65 17.11
N VAL B 160 48.74 -19.80 18.09
CA VAL B 160 49.39 -20.22 19.32
C VAL B 160 48.53 -19.75 20.48
N THR B 161 48.70 -20.46 21.58
CA THR B 161 48.10 -20.16 22.87
C THR B 161 49.24 -19.99 23.87
N VAL B 162 49.05 -19.10 24.83
CA VAL B 162 50.06 -18.84 25.84
C VAL B 162 49.42 -19.05 27.20
N SER B 163 50.03 -19.89 28.02
CA SER B 163 49.61 -19.99 29.42
C SER B 163 50.80 -19.80 30.36
N TRP B 164 50.49 -19.58 31.63
CA TRP B 164 51.49 -19.30 32.64
C TRP B 164 51.35 -20.26 33.82
N ASN B 165 52.46 -20.90 34.19
CA ASN B 165 52.49 -21.90 35.27
C ASN B 165 51.41 -22.95 35.06
N SER B 166 51.31 -23.44 33.83
CA SER B 166 50.42 -24.55 33.46
C SER B 166 48.97 -24.27 33.87
N GLY B 167 48.53 -23.03 33.67
CA GLY B 167 47.17 -22.61 33.91
C GLY B 167 46.89 -22.01 35.27
N ALA B 168 47.81 -22.13 36.22
CA ALA B 168 47.62 -21.72 37.61
C ALA B 168 47.78 -20.23 37.82
N LEU B 169 48.25 -19.50 36.81
CA LEU B 169 48.52 -18.06 36.87
C LEU B 169 47.68 -17.36 35.82
N THR B 170 46.72 -16.57 36.30
CA THR B 170 45.70 -15.90 35.50
C THR B 170 45.69 -14.41 35.79
N SER B 171 46.03 -14.00 37.01
CA SER B 171 46.00 -12.56 37.27
C SER B 171 47.12 -11.87 36.52
N GLY B 172 46.82 -10.68 36.00
CA GLY B 172 47.83 -9.91 35.28
C GLY B 172 48.32 -10.47 33.97
N VAL B 173 47.68 -11.49 33.40
CA VAL B 173 48.12 -12.02 32.10
C VAL B 173 47.44 -11.32 30.90
N HIS B 174 48.23 -10.97 29.88
CA HIS B 174 47.75 -10.30 28.65
C HIS B 174 48.54 -10.84 27.46
N THR B 175 47.85 -11.45 26.50
CA THR B 175 48.50 -11.99 25.31
C THR B 175 48.21 -11.13 24.08
N PHE B 176 49.27 -10.66 23.43
CA PHE B 176 49.14 -9.82 22.22
C PHE B 176 49.04 -10.52 20.85
N PRO B 177 48.15 -9.93 19.94
CA PRO B 177 48.03 -10.56 18.59
C PRO B 177 49.36 -10.62 17.76
N ALA B 178 49.47 -11.65 16.92
CA ALA B 178 50.58 -11.94 16.03
C ALA B 178 50.53 -10.99 14.83
N VAL B 179 51.67 -10.72 14.18
CA VAL B 179 51.62 -10.09 12.86
C VAL B 179 52.74 -10.66 11.97
N LEU B 180 52.43 -10.83 10.69
CA LEU B 180 53.41 -11.18 9.67
C LEU B 180 54.47 -10.09 9.54
N GLN B 181 55.67 -10.43 9.98
CA GLN B 181 56.85 -9.61 10.11
C GLN B 181 57.54 -9.52 8.75
N SER B 182 58.44 -8.54 8.61
CA SER B 182 59.09 -8.43 7.31
C SER B 182 59.86 -9.71 7.00
N SER B 183 60.23 -10.50 8.01
CA SER B 183 60.80 -11.81 7.72
C SER B 183 59.79 -12.72 7.02
N GLY B 184 58.48 -12.42 7.12
CA GLY B 184 57.39 -13.24 6.60
C GLY B 184 56.78 -14.25 7.58
N LEU B 185 57.31 -14.33 8.79
CA LEU B 185 56.94 -15.15 9.94
C LEU B 185 56.17 -14.37 11.00
N TYR B 186 55.39 -15.08 11.81
CA TYR B 186 54.71 -14.37 12.88
C TYR B 186 55.52 -14.46 14.17
N SER B 187 55.32 -13.43 14.99
CA SER B 187 55.77 -13.30 16.37
C SER B 187 54.68 -12.65 17.22
N LEU B 188 54.57 -13.06 18.47
CA LEU B 188 53.72 -12.36 19.42
C LEU B 188 54.40 -12.33 20.78
N SER B 189 53.80 -11.59 21.73
CA SER B 189 54.33 -11.50 23.08
C SER B 189 53.22 -11.64 24.12
N SER B 190 53.54 -12.31 25.23
CA SER B 190 52.62 -12.43 26.36
C SER B 190 53.24 -11.77 27.59
N VAL B 191 52.51 -10.86 28.23
CA VAL B 191 53.04 -10.11 29.37
C VAL B 191 52.15 -10.31 30.58
N VAL B 192 52.79 -10.50 31.75
CA VAL B 192 52.12 -10.60 33.03
C VAL B 192 52.54 -9.41 33.87
N THR B 193 51.55 -8.73 34.47
CA THR B 193 51.77 -7.70 35.48
C THR B 193 51.75 -8.34 36.86
N VAL B 194 52.78 -8.12 37.65
CA VAL B 194 52.90 -8.77 38.96
C VAL B 194 53.32 -7.75 39.99
N PRO B 195 53.22 -8.07 41.29
CA PRO B 195 53.82 -7.21 42.31
C PRO B 195 55.32 -7.41 42.38
N SER B 196 56.05 -6.30 42.49
CA SER B 196 57.50 -6.37 42.62
C SER B 196 57.92 -7.14 43.87
N SER B 197 57.13 -7.01 44.95
CA SER B 197 57.47 -7.70 46.19
C SER B 197 57.46 -9.22 46.05
N SER B 198 56.77 -9.76 45.04
CA SER B 198 56.77 -11.19 44.81
C SER B 198 57.97 -11.67 43.99
N LEU B 199 58.74 -10.74 43.41
CA LEU B 199 59.76 -11.11 42.44
C LEU B 199 60.89 -11.89 43.09
N GLY B 200 61.06 -11.74 44.40
CA GLY B 200 62.05 -12.44 45.20
C GLY B 200 61.98 -13.95 45.07
N THR B 201 60.83 -14.56 45.40
CA THR B 201 60.73 -16.00 45.17
C THR B 201 59.26 -16.31 44.87
N GLN B 202 58.85 -16.02 43.64
CA GLN B 202 57.66 -16.59 43.02
C GLN B 202 58.00 -17.06 41.61
N THR B 203 57.83 -18.35 41.32
CA THR B 203 58.26 -18.85 40.01
C THR B 203 57.28 -18.44 38.92
N TYR B 204 57.81 -18.19 37.72
CA TYR B 204 57.02 -17.91 36.52
C TYR B 204 57.54 -18.70 35.34
N ILE B 205 56.69 -19.56 34.76
CA ILE B 205 57.03 -20.35 33.59
C ILE B 205 55.95 -20.13 32.54
N CYS B 206 56.34 -19.65 31.36
CA CYS B 206 55.39 -19.58 30.27
C CYS B 206 55.40 -20.87 29.46
N ASN B 207 54.20 -21.36 29.15
CA ASN B 207 53.98 -22.57 28.37
C ASN B 207 53.40 -22.20 27.02
N VAL B 208 54.13 -22.56 25.95
CA VAL B 208 53.84 -22.20 24.58
C VAL B 208 53.57 -23.47 23.78
N ASN B 209 52.43 -23.51 23.08
CA ASN B 209 52.04 -24.65 22.27
C ASN B 209 51.81 -24.21 20.83
N HIS B 210 52.46 -24.92 19.91
CA HIS B 210 52.37 -24.76 18.46
C HIS B 210 51.97 -26.11 17.88
N LYS B 211 50.66 -26.27 17.79
CA LYS B 211 50.04 -27.48 17.31
C LYS B 211 50.44 -27.87 15.89
N PRO B 212 50.46 -26.96 14.93
CA PRO B 212 50.81 -27.33 13.55
C PRO B 212 52.17 -27.96 13.39
N SER B 213 53.12 -27.69 14.31
CA SER B 213 54.40 -28.34 14.29
C SER B 213 54.57 -29.33 15.43
N ASN B 214 53.52 -29.54 16.24
CA ASN B 214 53.59 -30.41 17.41
C ASN B 214 54.76 -30.03 18.31
N THR B 215 54.89 -28.72 18.57
CA THR B 215 55.94 -28.16 19.41
C THR B 215 55.34 -27.61 20.70
N LYS B 216 55.80 -28.11 21.84
CA LYS B 216 55.55 -27.47 23.14
C LYS B 216 56.86 -27.07 23.78
N VAL B 217 56.95 -25.79 24.19
CA VAL B 217 58.14 -25.25 24.82
C VAL B 217 57.75 -24.52 26.10
N ASP B 218 58.43 -24.85 27.20
CA ASP B 218 58.34 -24.14 28.46
C ASP B 218 59.57 -23.28 28.70
N LYS B 219 59.36 -22.05 29.18
CA LYS B 219 60.47 -21.12 29.42
C LYS B 219 60.25 -20.42 30.75
N LYS B 220 61.19 -20.57 31.68
CA LYS B 220 61.08 -19.88 32.97
C LYS B 220 61.52 -18.42 32.85
N VAL B 221 60.79 -17.52 33.52
CA VAL B 221 61.14 -16.11 33.50
C VAL B 221 61.49 -15.68 34.93
N GLU B 222 62.76 -15.36 35.15
CA GLU B 222 63.36 -15.00 36.43
C GLU B 222 63.98 -13.61 36.37
N PRO B 223 64.23 -12.97 37.52
CA PRO B 223 64.84 -11.65 37.49
C PRO B 223 66.19 -11.76 36.81
N LYS B 224 66.56 -10.72 36.07
CA LYS B 224 67.75 -10.78 35.24
C LYS B 224 69.01 -11.05 36.05
N SER B 225 69.81 -11.98 35.53
CA SER B 225 71.06 -12.43 36.14
C SER B 225 72.03 -12.87 35.05
N VAL C 6 33.00 3.07 -2.04
CA VAL C 6 32.56 3.95 -3.11
C VAL C 6 31.64 5.00 -2.48
N LEU C 7 30.99 4.58 -1.41
CA LEU C 7 30.18 5.43 -0.54
C LEU C 7 31.03 5.84 0.65
N THR C 8 30.92 7.09 1.07
CA THR C 8 31.78 7.63 2.12
C THR C 8 31.02 7.71 3.45
N GLN C 9 31.54 7.04 4.46
CA GLN C 9 31.09 7.08 5.85
C GLN C 9 32.22 7.56 6.74
N PRO C 10 31.93 8.13 7.89
CA PRO C 10 32.97 8.41 8.88
C PRO C 10 33.61 7.11 9.35
N PRO C 11 34.93 7.08 9.51
CA PRO C 11 35.58 5.83 9.94
C PRO C 11 35.21 5.42 11.36
N SER C 12 34.88 6.37 12.22
CA SER C 12 34.53 6.06 13.60
C SER C 12 33.40 6.99 14.05
N ALA C 13 32.73 6.59 15.12
CA ALA C 13 31.73 7.43 15.76
C ALA C 13 31.62 7.00 17.23
N SER C 14 31.16 7.93 18.07
CA SER C 14 31.09 7.66 19.50
C SER C 14 29.83 8.25 20.08
N GLY C 15 29.26 7.56 21.05
CA GLY C 15 28.02 8.00 21.66
C GLY C 15 27.92 7.56 23.10
N THR C 16 27.13 8.28 23.85
CA THR C 16 26.88 8.13 25.27
C THR C 16 25.67 7.20 25.46
N PRO C 17 25.67 6.29 26.43
CA PRO C 17 24.54 5.40 26.58
C PRO C 17 23.25 6.18 26.78
N GLY C 18 22.20 5.71 26.13
CA GLY C 18 20.90 6.33 26.23
C GLY C 18 20.60 7.53 25.36
N LEU C 19 21.63 8.10 24.74
CA LEU C 19 21.41 9.26 23.90
C LEU C 19 21.23 8.82 22.46
N ARG C 20 21.48 9.74 21.54
CA ARG C 20 21.34 9.49 20.12
C ARG C 20 22.66 9.71 19.41
N VAL C 21 22.92 8.86 18.43
CA VAL C 21 24.12 8.98 17.62
C VAL C 21 23.63 8.87 16.09
N THR C 22 24.18 9.62 15.09
CA THR C 22 23.84 9.51 13.69
C THR C 22 25.11 9.23 12.89
N ILE C 23 24.96 8.39 11.87
CA ILE C 23 26.05 7.95 11.02
C ILE C 23 25.67 8.33 9.60
N SER C 24 26.50 9.13 8.94
CA SER C 24 26.21 9.67 7.62
C SER C 24 26.82 8.80 6.53
N CYS C 25 26.22 8.86 5.34
CA CYS C 25 26.69 8.10 4.18
C CYS C 25 26.47 8.95 2.93
N SER C 26 27.55 9.25 2.22
CA SER C 26 27.52 10.15 1.08
C SER C 26 27.80 9.39 -0.20
N GLY C 27 26.99 9.65 -1.23
CA GLY C 27 27.02 8.93 -2.48
C GLY C 27 26.94 9.85 -3.67
N SER C 28 26.34 9.36 -4.76
CA SER C 28 26.30 10.09 -6.02
C SER C 28 24.96 9.85 -6.68
N SER C 29 24.69 10.61 -7.74
CA SER C 29 23.44 10.47 -8.47
C SER C 29 23.25 9.08 -9.04
N SER C 30 24.35 8.35 -9.27
CA SER C 30 24.25 7.04 -9.91
C SER C 30 23.93 5.91 -8.93
N ASN C 31 24.16 6.09 -7.64
CA ASN C 31 23.83 5.08 -6.65
C ASN C 31 22.73 5.60 -5.73
N ILE C 32 23.05 6.31 -4.65
CA ILE C 32 22.02 6.75 -3.71
C ILE C 32 21.04 7.70 -4.37
N GLY C 33 21.51 8.48 -5.35
CA GLY C 33 20.61 9.38 -6.04
C GLY C 33 19.50 8.70 -6.82
N SER C 34 19.59 7.39 -7.02
CA SER C 34 18.65 6.71 -7.91
C SER C 34 18.20 5.33 -7.45
N ASN C 35 18.80 4.75 -6.41
CA ASN C 35 18.46 3.42 -5.94
C ASN C 35 18.31 3.47 -4.43
N THR C 36 17.96 2.33 -3.84
CA THR C 36 17.81 2.40 -2.40
C THR C 36 19.14 2.13 -1.71
N VAL C 37 19.22 2.54 -0.44
CA VAL C 37 20.39 2.35 0.40
C VAL C 37 19.95 1.35 1.45
N ASN C 38 20.82 0.43 1.81
CA ASN C 38 20.58 -0.55 2.86
C ASN C 38 21.63 -0.42 3.96
N TRP C 39 21.27 -0.81 5.17
CA TRP C 39 22.23 -0.74 6.26
C TRP C 39 22.38 -2.09 6.92
N TYR C 40 23.66 -2.41 7.20
CA TYR C 40 24.10 -3.64 7.84
C TYR C 40 24.92 -3.34 9.09
N GLN C 41 24.77 -4.21 10.08
CA GLN C 41 25.52 -4.23 11.33
C GLN C 41 26.45 -5.44 11.29
N HIS C 42 27.70 -5.27 11.72
CA HIS C 42 28.68 -6.34 11.59
C HIS C 42 29.48 -6.32 12.87
N LEU C 43 29.55 -7.47 13.55
CA LEU C 43 30.48 -7.72 14.65
C LEU C 43 31.49 -8.79 14.23
N PRO C 44 32.75 -8.47 13.95
CA PRO C 44 33.69 -9.49 13.47
C PRO C 44 33.67 -10.76 14.33
N GLY C 45 33.84 -11.91 13.67
CA GLY C 45 33.49 -13.18 14.24
C GLY C 45 32.06 -13.61 13.96
N THR C 46 31.23 -12.71 13.43
CA THR C 46 29.84 -12.95 13.10
C THR C 46 29.55 -12.43 11.70
N ALA C 47 28.55 -13.04 11.06
CA ALA C 47 28.13 -12.56 9.75
C ALA C 47 27.52 -11.18 9.89
N PRO C 48 27.68 -10.31 8.90
CA PRO C 48 26.96 -9.03 8.91
C PRO C 48 25.46 -9.27 9.08
N LYS C 49 24.79 -8.28 9.67
CA LYS C 49 23.37 -8.35 9.93
C LYS C 49 22.65 -7.19 9.26
N LEU C 50 21.56 -7.53 8.57
CA LEU C 50 20.75 -6.53 7.90
C LEU C 50 19.95 -5.73 8.93
N LEU C 51 20.10 -4.41 8.89
CA LEU C 51 19.44 -3.48 9.80
C LEU C 51 18.28 -2.76 9.13
N ILE C 52 18.45 -2.40 7.86
CA ILE C 52 17.51 -1.63 7.06
C ILE C 52 17.55 -2.25 5.68
N HIS C 53 16.40 -2.62 5.15
CA HIS C 53 16.32 -3.23 3.82
C HIS C 53 15.82 -2.23 2.78
N SER C 54 15.22 -1.15 3.25
CA SER C 54 14.69 -0.12 2.36
C SER C 54 14.81 1.27 3.00
N ASN C 55 14.53 2.30 2.22
CA ASN C 55 14.61 3.67 2.70
C ASN C 55 13.63 3.91 3.84
N ASN C 56 14.13 3.89 5.06
CA ASN C 56 13.28 4.10 6.24
C ASN C 56 12.48 2.86 6.60
N GLN C 57 13.12 1.70 6.48
CA GLN C 57 12.47 0.43 6.80
C GLN C 57 13.47 -0.55 7.41
N ARG C 58 12.99 -1.34 8.37
CA ARG C 58 13.85 -2.31 9.04
C ARG C 58 13.13 -3.64 9.28
N PRO C 59 13.83 -4.73 9.02
CA PRO C 59 13.26 -6.08 9.21
C PRO C 59 12.83 -6.35 10.66
N SER C 60 11.92 -7.31 10.80
CA SER C 60 11.53 -7.81 12.11
C SER C 60 12.75 -8.26 12.91
N GLY C 61 12.77 -7.85 14.18
CA GLY C 61 13.86 -8.11 15.10
C GLY C 61 14.82 -6.94 15.27
N VAL C 62 14.70 -5.91 14.43
CA VAL C 62 15.49 -4.68 14.59
C VAL C 62 14.68 -3.70 15.42
N PRO C 63 15.20 -3.22 16.53
CA PRO C 63 14.41 -2.38 17.45
C PRO C 63 14.05 -1.01 16.86
N ASP C 64 12.96 -0.45 17.40
CA ASP C 64 12.53 0.80 16.81
C ASP C 64 13.49 1.99 17.14
N ARG C 65 14.67 1.72 17.73
CA ARG C 65 15.65 2.77 17.92
C ARG C 65 16.42 3.07 16.63
N PHE C 66 16.47 2.12 15.69
CA PHE C 66 17.16 2.34 14.42
C PHE C 66 16.23 2.90 13.36
N SER C 67 16.68 3.98 12.72
CA SER C 67 15.96 4.68 11.67
C SER C 67 16.93 5.05 10.58
N GLY C 68 16.47 4.97 9.33
CA GLY C 68 17.27 5.32 8.18
C GLY C 68 16.61 6.51 7.50
N SER C 69 17.42 7.29 6.78
CA SER C 69 16.79 8.27 5.91
C SER C 69 17.64 8.50 4.67
N LYS C 70 16.99 9.05 3.66
CA LYS C 70 17.65 9.42 2.42
C LYS C 70 17.16 10.77 1.90
N SER C 71 18.10 11.57 1.39
CA SER C 71 17.79 12.87 0.81
C SER C 71 18.81 13.09 -0.30
N GLY C 72 18.34 13.07 -1.55
CA GLY C 72 19.26 13.28 -2.67
C GLY C 72 20.31 12.20 -2.80
N THR C 73 21.59 12.58 -2.75
CA THR C 73 22.69 11.62 -2.81
C THR C 73 23.25 11.23 -1.44
N SER C 74 22.52 11.49 -0.35
CA SER C 74 23.01 11.13 0.96
C SER C 74 21.98 10.32 1.73
N ALA C 75 22.47 9.60 2.72
CA ALA C 75 21.62 8.84 3.63
C ALA C 75 22.22 8.94 5.02
N SER C 76 21.40 8.58 6.00
CA SER C 76 21.81 8.70 7.40
C SER C 76 21.11 7.62 8.22
N LEU C 77 21.86 7.06 9.16
CA LEU C 77 21.33 6.14 10.16
C LEU C 77 21.31 6.81 11.52
N ALA C 78 20.16 6.76 12.19
CA ALA C 78 20.05 7.30 13.53
C ALA C 78 19.82 6.14 14.49
N ILE C 79 20.55 6.17 15.61
CA ILE C 79 20.37 5.21 16.69
C ILE C 79 20.05 5.99 17.95
N SER C 80 18.86 5.77 18.49
CA SER C 80 18.44 6.38 19.75
C SER C 80 18.56 5.39 20.89
N GLY C 81 18.52 5.90 22.11
CA GLY C 81 18.63 5.03 23.28
C GLY C 81 19.82 4.10 23.26
N LEU C 82 21.00 4.62 22.88
CA LEU C 82 22.18 3.77 22.68
C LEU C 82 22.39 2.78 23.82
N GLN C 83 22.65 1.53 23.45
CA GLN C 83 22.94 0.42 24.34
C GLN C 83 24.28 -0.22 23.99
N SER C 84 24.86 -0.92 24.98
CA SER C 84 26.16 -1.54 24.78
C SER C 84 26.13 -2.59 23.69
N GLU C 85 24.99 -3.24 23.46
CA GLU C 85 24.96 -4.18 22.34
C GLU C 85 25.03 -3.49 20.98
N ASP C 86 24.97 -2.16 20.91
CA ASP C 86 25.19 -1.48 19.64
C ASP C 86 26.66 -1.30 19.26
N GLU C 87 27.62 -1.65 20.12
CA GLU C 87 29.02 -1.52 19.70
C GLU C 87 29.28 -2.46 18.52
N ALA C 88 29.68 -1.90 17.39
CA ALA C 88 29.88 -2.69 16.18
C ALA C 88 30.32 -1.83 15.01
N ASP C 89 30.53 -2.46 13.86
CA ASP C 89 30.80 -1.75 12.62
C ASP C 89 29.49 -1.62 11.86
N TYR C 90 29.30 -0.48 11.21
CA TYR C 90 28.05 -0.22 10.48
C TYR C 90 28.36 0.16 9.04
N TYR C 91 27.70 -0.51 8.09
CA TYR C 91 27.99 -0.34 6.68
C TYR C 91 26.70 0.07 5.96
N CYS C 92 26.78 1.09 5.12
CA CYS C 92 25.72 1.37 4.15
C CYS C 92 26.11 0.75 2.80
N ALA C 93 25.08 0.49 1.98
CA ALA C 93 25.28 -0.12 0.67
C ALA C 93 24.19 0.36 -0.28
N ALA C 94 24.55 0.53 -1.56
CA ALA C 94 23.53 0.86 -2.54
C ALA C 94 23.93 0.29 -3.88
N TRP C 95 22.92 0.02 -4.72
CA TRP C 95 23.20 -0.36 -6.10
C TRP C 95 23.71 0.85 -6.88
N ASP C 96 24.70 0.63 -7.71
CA ASP C 96 25.30 1.66 -8.56
C ASP C 96 24.97 1.36 -10.02
N ASP C 97 24.21 2.27 -10.62
CA ASP C 97 23.77 2.12 -12.02
C ASP C 97 24.95 2.20 -12.97
N SER C 98 25.91 3.10 -12.71
CA SER C 98 27.05 3.27 -13.61
C SER C 98 27.99 2.08 -13.55
N LEU C 99 28.14 1.46 -12.40
CA LEU C 99 28.97 0.26 -12.27
C LEU C 99 28.18 -1.02 -12.51
N ASN C 100 26.85 -0.95 -12.49
CA ASN C 100 26.00 -2.14 -12.59
C ASN C 100 26.32 -3.11 -11.46
N GLY C 101 26.45 -2.57 -10.25
CA GLY C 101 26.76 -3.48 -9.16
C GLY C 101 26.56 -2.84 -7.81
N TRP C 102 26.84 -3.61 -6.77
CA TRP C 102 26.69 -3.11 -5.40
C TRP C 102 27.94 -2.33 -5.01
N VAL C 103 27.74 -1.23 -4.29
CA VAL C 103 28.84 -0.47 -3.69
C VAL C 103 28.56 -0.29 -2.21
N PHE C 104 29.61 -0.35 -1.40
CA PHE C 104 29.44 -0.19 0.04
C PHE C 104 30.10 1.01 0.59
N GLY C 105 29.54 1.41 1.72
CA GLY C 105 30.07 2.53 2.41
C GLY C 105 31.23 1.99 3.19
N GLY C 106 32.03 2.92 3.67
CA GLY C 106 33.18 2.63 4.49
C GLY C 106 32.60 2.41 5.85
N GLY C 107 33.18 1.46 6.58
CA GLY C 107 32.69 1.09 7.90
C GLY C 107 32.96 2.03 9.05
N THR C 108 31.89 2.55 9.63
CA THR C 108 31.96 3.43 10.78
C THR C 108 31.99 2.56 12.03
N LYS C 109 33.07 2.62 12.78
CA LYS C 109 33.20 1.84 14.01
C LYS C 109 32.56 2.62 15.15
N LEU C 110 31.59 2.00 15.81
CA LEU C 110 30.90 2.65 16.91
C LEU C 110 31.29 2.30 18.22
N THR C 111 31.84 3.32 18.83
CA THR C 111 32.29 3.07 20.19
C THR C 111 31.27 3.55 21.20
N VAL C 112 30.59 2.58 21.81
CA VAL C 112 29.73 2.77 22.97
C VAL C 112 30.62 3.13 24.16
N LEU C 113 30.46 4.34 24.68
CA LEU C 113 31.35 4.86 25.71
C LEU C 113 30.99 4.28 27.06
N GLY C 114 31.89 3.49 27.63
CA GLY C 114 31.70 2.95 28.96
C GLY C 114 32.77 3.43 29.92
N GLN C 115 34.01 2.97 29.74
CA GLN C 115 35.12 3.39 30.57
C GLN C 115 35.51 4.82 30.22
N PRO C 116 36.33 5.49 31.06
CA PRO C 116 36.69 6.89 30.76
C PRO C 116 37.72 7.01 29.65
N LYS C 117 38.22 8.22 29.43
CA LYS C 117 39.33 8.43 28.52
C LYS C 117 40.61 7.88 29.14
N ALA C 118 40.96 6.63 28.85
CA ALA C 118 42.11 6.00 29.47
C ALA C 118 43.31 6.04 28.53
N ALA C 119 44.42 6.58 29.02
CA ALA C 119 45.64 6.68 28.24
C ALA C 119 46.31 5.31 28.08
N PRO C 120 46.96 5.05 26.95
CA PRO C 120 47.66 3.79 26.77
C PRO C 120 48.90 3.70 27.64
N SER C 121 49.12 2.52 28.23
CA SER C 121 50.39 2.12 28.80
C SER C 121 51.27 1.50 27.71
N VAL C 122 52.52 1.93 27.62
CA VAL C 122 53.43 1.57 26.54
C VAL C 122 54.70 0.95 27.13
N THR C 123 55.04 -0.25 26.68
CA THR C 123 56.30 -0.92 27.01
C THR C 123 57.09 -1.12 25.72
N LEU C 124 58.35 -0.69 25.71
CA LEU C 124 59.21 -0.82 24.54
C LEU C 124 60.44 -1.66 24.89
N PHE C 125 60.62 -2.85 24.13
CA PHE C 125 61.81 -3.68 24.25
C PHE C 125 62.73 -3.49 23.06
N PRO C 126 64.03 -3.39 23.32
CA PRO C 126 65.03 -3.37 22.25
C PRO C 126 65.34 -4.76 21.74
N PRO C 127 66.13 -4.88 20.66
CA PRO C 127 66.58 -6.21 20.21
C PRO C 127 67.35 -6.98 21.28
N SER C 128 67.07 -8.28 21.36
CA SER C 128 67.86 -9.19 22.18
C SER C 128 69.25 -9.41 21.57
N SER C 129 70.21 -9.74 22.44
CA SER C 129 71.52 -10.16 21.98
C SER C 129 71.44 -11.41 21.11
N GLU C 130 70.56 -12.35 21.46
CA GLU C 130 70.40 -13.57 20.67
C GLU C 130 69.98 -13.24 19.24
N GLU C 131 69.01 -12.33 19.07
CA GLU C 131 68.58 -12.00 17.72
C GLU C 131 69.67 -11.24 16.97
N LEU C 132 70.36 -10.32 17.63
CA LEU C 132 71.44 -9.59 16.98
C LEU C 132 72.51 -10.54 16.48
N GLN C 133 72.79 -11.60 17.26
CA GLN C 133 73.76 -12.60 16.81
C GLN C 133 73.25 -13.36 15.60
N ALA C 134 71.93 -13.41 15.42
CA ALA C 134 71.30 -14.00 14.24
C ALA C 134 71.14 -13.00 13.10
N ASN C 135 71.77 -11.82 13.23
CA ASN C 135 71.85 -10.81 12.17
C ASN C 135 70.50 -10.15 11.88
N LYS C 136 69.66 -10.01 12.89
CA LYS C 136 68.39 -9.31 12.77
C LYS C 136 68.17 -8.45 14.00
N ALA C 137 67.24 -7.49 13.91
CA ALA C 137 66.98 -6.62 15.05
C ALA C 137 65.52 -6.22 15.07
N THR C 138 64.78 -6.65 16.09
CA THR C 138 63.35 -6.31 16.20
C THR C 138 63.11 -5.51 17.46
N LEU C 139 62.44 -4.36 17.32
CA LEU C 139 61.95 -3.58 18.44
C LEU C 139 60.47 -3.85 18.66
N VAL C 140 60.08 -4.01 19.93
CA VAL C 140 58.73 -4.44 20.28
C VAL C 140 58.05 -3.36 21.11
N CYS C 141 56.97 -2.79 20.59
CA CYS C 141 56.20 -1.75 21.28
C CYS C 141 54.83 -2.31 21.64
N LEU C 142 54.56 -2.45 22.93
CA LEU C 142 53.34 -3.06 23.44
C LEU C 142 52.46 -2.01 24.10
N ILE C 143 51.18 -2.00 23.73
CA ILE C 143 50.26 -0.91 24.02
C ILE C 143 49.04 -1.52 24.68
N SER C 144 48.70 -1.07 25.88
CA SER C 144 47.58 -1.67 26.59
C SER C 144 46.80 -0.64 27.40
N ASP C 145 45.60 -1.05 27.80
CA ASP C 145 44.75 -0.30 28.74
C ASP C 145 44.39 1.10 28.25
N PHE C 146 44.07 1.25 26.96
CA PHE C 146 43.62 2.57 26.50
C PHE C 146 42.13 2.49 26.20
N TYR C 147 41.45 3.62 26.25
CA TYR C 147 40.05 3.57 25.85
C TYR C 147 39.59 4.99 25.50
N PRO C 148 38.94 5.20 24.35
CA PRO C 148 38.36 4.25 23.38
C PRO C 148 39.39 3.50 22.53
N GLY C 149 38.89 2.53 21.77
CA GLY C 149 39.75 1.58 21.09
C GLY C 149 40.27 2.01 19.72
N ALA C 150 40.99 3.12 19.65
CA ALA C 150 41.52 3.63 18.38
C ALA C 150 42.83 4.33 18.71
N VAL C 151 43.93 3.89 18.10
CA VAL C 151 45.22 4.56 18.19
C VAL C 151 45.91 4.72 16.83
N THR C 152 46.91 5.63 16.82
CA THR C 152 47.85 5.74 15.71
C THR C 152 49.28 5.63 16.26
N VAL C 153 50.15 4.95 15.53
CA VAL C 153 51.51 4.63 16.01
C VAL C 153 52.51 5.25 15.06
N ALA C 154 53.52 5.93 15.61
CA ALA C 154 54.60 6.54 14.86
C ALA C 154 55.95 6.14 15.42
N TRP C 155 56.92 5.90 14.54
CA TRP C 155 58.26 5.51 14.96
C TRP C 155 59.28 6.52 14.42
N LYS C 156 59.58 7.52 15.23
CA LYS C 156 60.49 8.60 14.85
C LYS C 156 61.96 8.25 14.88
N ALA C 157 62.73 9.05 14.14
CA ALA C 157 64.18 8.94 14.07
C ALA C 157 64.70 10.24 14.65
N ASP C 158 65.86 10.17 15.30
CA ASP C 158 66.47 11.33 15.93
C ASP C 158 66.22 12.68 15.25
N SER C 159 66.49 12.77 13.96
CA SER C 159 66.31 14.02 13.23
C SER C 159 65.36 13.91 12.05
N SER C 160 65.21 12.72 11.47
CA SER C 160 64.31 12.53 10.33
C SER C 160 63.35 11.39 10.67
N PRO C 161 62.28 11.26 9.90
CA PRO C 161 61.28 10.20 10.13
C PRO C 161 61.60 8.91 9.39
N VAL C 162 60.75 7.91 9.55
CA VAL C 162 60.93 6.62 8.89
C VAL C 162 59.78 5.67 9.25
N LYS C 163 59.45 4.77 8.33
CA LYS C 163 58.37 3.82 8.56
C LYS C 163 58.70 2.44 7.99
N ALA C 164 59.58 2.41 6.99
CA ALA C 164 59.98 1.14 6.37
C ALA C 164 60.29 0.09 7.42
N GLY C 165 59.53 -1.01 7.39
CA GLY C 165 59.72 -2.09 8.34
C GLY C 165 58.84 -2.08 9.57
N VAL C 166 57.73 -1.34 9.57
CA VAL C 166 56.83 -1.27 10.72
C VAL C 166 55.61 -2.14 10.44
N GLU C 167 55.27 -2.99 11.41
CA GLU C 167 54.05 -3.80 11.35
C GLU C 167 53.30 -3.71 12.67
N THR C 168 52.02 -3.35 12.62
CA THR C 168 51.21 -3.12 13.80
C THR C 168 49.96 -3.99 13.76
N THR C 169 49.56 -4.51 14.92
CA THR C 169 48.39 -5.37 15.07
C THR C 169 47.11 -4.53 15.09
N THR C 170 45.99 -5.21 14.84
CA THR C 170 44.67 -4.66 15.13
C THR C 170 44.38 -4.65 16.63
N PRO C 171 43.51 -3.74 17.09
CA PRO C 171 43.23 -3.65 18.53
C PRO C 171 42.36 -4.77 19.06
N SER C 172 42.58 -5.12 20.33
CA SER C 172 41.87 -6.22 20.98
C SER C 172 41.33 -5.80 22.34
N LYS C 173 40.07 -6.14 22.64
CA LYS C 173 39.52 -5.80 23.95
C LYS C 173 40.21 -6.69 24.99
N GLN C 174 40.73 -6.07 26.06
CA GLN C 174 41.32 -6.85 27.14
C GLN C 174 40.31 -7.39 28.16
N SER C 175 40.83 -8.12 29.13
CA SER C 175 40.01 -8.73 30.18
C SER C 175 39.32 -7.65 31.01
N ASN C 176 40.01 -6.55 31.26
CA ASN C 176 39.52 -5.43 32.05
C ASN C 176 38.67 -4.46 31.25
N ASN C 177 38.22 -4.88 30.06
CA ASN C 177 37.35 -4.14 29.15
C ASN C 177 38.01 -2.89 28.54
N LYS C 178 39.32 -2.71 28.71
CA LYS C 178 40.11 -1.79 27.91
C LYS C 178 40.71 -2.51 26.69
N TYR C 179 41.55 -1.81 25.91
CA TYR C 179 42.04 -2.33 24.64
C TYR C 179 43.57 -2.40 24.58
N ALA C 180 44.06 -3.31 23.71
CA ALA C 180 45.48 -3.51 23.44
C ALA C 180 45.83 -3.60 21.96
N ALA C 181 47.10 -3.25 21.66
CA ALA C 181 47.66 -3.27 20.33
C ALA C 181 49.17 -3.43 20.48
N SER C 182 49.85 -3.79 19.38
CA SER C 182 51.31 -3.92 19.43
C SER C 182 51.90 -3.61 18.06
N SER C 183 53.17 -3.20 18.07
CA SER C 183 53.88 -2.70 16.89
C SER C 183 55.32 -3.18 16.90
N TYR C 184 55.80 -3.65 15.75
CA TYR C 184 57.13 -4.24 15.60
C TYR C 184 57.89 -3.44 14.56
N LEU C 185 59.14 -3.07 14.88
CA LEU C 185 60.02 -2.42 13.91
C LEU C 185 61.24 -3.29 13.64
N SER C 186 61.40 -3.69 12.38
CA SER C 186 62.54 -4.50 11.95
C SER C 186 63.68 -3.64 11.41
N LEU C 187 64.87 -3.82 11.98
CA LEU C 187 66.09 -3.13 11.63
C LEU C 187 67.19 -4.16 11.35
N THR C 188 68.23 -3.71 10.64
CA THR C 188 69.47 -4.48 10.62
C THR C 188 70.26 -4.17 11.88
N PRO C 189 71.16 -5.07 12.30
CA PRO C 189 72.03 -4.72 13.44
C PRO C 189 72.84 -3.45 13.25
N GLU C 190 73.29 -3.18 12.02
CA GLU C 190 74.03 -1.95 11.74
C GLU C 190 73.17 -0.71 11.98
N GLN C 191 71.93 -0.71 11.47
CA GLN C 191 71.04 0.43 11.70
C GLN C 191 70.78 0.61 13.20
N TRP C 192 70.53 -0.49 13.92
CA TRP C 192 70.29 -0.40 15.36
C TRP C 192 71.49 0.23 16.06
N LYS C 193 72.70 -0.25 15.74
CA LYS C 193 73.92 0.22 16.37
C LYS C 193 74.33 1.61 15.92
N SER C 194 73.76 2.13 14.82
CA SER C 194 74.24 3.39 14.24
C SER C 194 73.59 4.64 14.85
N HIS C 195 72.54 4.49 15.64
CA HIS C 195 71.75 5.59 16.17
C HIS C 195 71.92 5.64 17.69
N ARG C 196 71.69 6.83 18.29
CA ARG C 196 71.82 6.88 19.75
C ARG C 196 70.65 6.21 20.45
N SER C 197 69.46 6.25 19.85
CA SER C 197 68.27 5.65 20.43
C SER C 197 67.19 5.60 19.37
N TYR C 198 66.13 4.84 19.67
CA TYR C 198 64.91 4.78 18.88
C TYR C 198 63.70 5.01 19.79
N SER C 199 62.63 5.56 19.23
CA SER C 199 61.42 5.84 20.00
C SER C 199 60.17 5.31 19.31
N CYS C 200 59.28 4.76 20.14
CA CYS C 200 57.91 4.40 19.77
C CYS C 200 56.97 5.43 20.38
N GLN C 201 56.16 6.04 19.52
CA GLN C 201 55.21 7.07 19.92
C GLN C 201 53.79 6.65 19.60
N VAL C 202 52.94 6.58 20.61
CA VAL C 202 51.55 6.15 20.48
C VAL C 202 50.66 7.36 20.71
N THR C 203 49.86 7.71 19.70
CA THR C 203 48.94 8.83 19.78
C THR C 203 47.53 8.27 19.94
N HIS C 204 46.81 8.83 20.92
CA HIS C 204 45.47 8.37 21.26
C HIS C 204 44.62 9.55 21.65
N GLU C 205 43.54 9.76 20.88
CA GLU C 205 42.65 10.91 21.05
C GLU C 205 43.46 12.20 21.12
N GLY C 206 44.48 12.30 20.27
CA GLY C 206 45.29 13.50 20.18
C GLY C 206 46.39 13.63 21.23
N SER C 207 46.37 12.82 22.28
CA SER C 207 47.40 12.88 23.31
C SER C 207 48.45 11.81 23.04
N THR C 208 49.71 12.13 23.29
CA THR C 208 50.83 11.29 22.88
C THR C 208 51.60 10.71 24.06
N VAL C 209 51.95 9.43 23.95
CA VAL C 209 52.76 8.70 24.93
C VAL C 209 53.98 8.12 24.21
N GLU C 210 55.17 8.30 24.79
CA GLU C 210 56.41 7.95 24.10
C GLU C 210 57.30 7.06 24.96
N LYS C 211 58.01 6.13 24.32
CA LYS C 211 59.08 5.37 24.96
C LYS C 211 60.31 5.31 24.05
N THR C 212 61.49 5.23 24.67
CA THR C 212 62.78 5.28 23.99
C THR C 212 63.71 4.19 24.50
N VAL C 213 64.44 3.53 23.57
CA VAL C 213 65.43 2.53 23.94
C VAL C 213 66.72 2.79 23.17
N ALA C 214 67.80 2.15 23.62
CA ALA C 214 69.13 2.45 23.09
C ALA C 214 70.02 1.22 23.22
N PRO C 215 71.05 1.12 22.37
CA PRO C 215 71.98 -0.03 22.42
C PRO C 215 72.77 -0.09 23.73
N THR C 216 73.19 -1.30 24.07
CA THR C 216 74.03 -1.53 25.24
C THR C 216 75.46 -1.88 24.84
N MET D 9 -16.11 25.95 -7.00
CA MET D 9 -17.06 26.47 -6.03
C MET D 9 -17.81 27.68 -6.57
N THR D 10 -17.90 27.75 -7.90
CA THR D 10 -18.58 28.85 -8.59
C THR D 10 -19.56 28.25 -9.59
N GLN D 11 -20.85 28.25 -9.23
CA GLN D 11 -21.89 27.69 -10.08
C GLN D 11 -22.59 28.84 -10.82
N SER D 12 -22.64 28.74 -12.15
CA SER D 12 -23.25 29.82 -12.93
C SER D 12 -24.75 29.92 -12.68
N PRO D 13 -25.57 28.88 -12.96
CA PRO D 13 -27.00 29.02 -12.66
C PRO D 13 -27.37 28.47 -11.29
N SER D 14 -27.71 29.37 -10.36
CA SER D 14 -28.18 28.93 -9.06
C SER D 14 -29.40 28.03 -9.20
N THR D 15 -30.46 28.54 -9.83
CA THR D 15 -31.66 27.77 -10.15
C THR D 15 -31.90 27.90 -11.65
N LEU D 16 -31.91 26.77 -12.34
CA LEU D 16 -32.01 26.74 -13.81
C LEU D 16 -33.35 26.16 -14.22
N SER D 17 -34.09 26.92 -15.01
CA SER D 17 -35.34 26.47 -15.60
C SER D 17 -35.07 26.01 -17.03
N ALA D 18 -35.43 24.76 -17.33
CA ALA D 18 -35.14 24.16 -18.62
C ALA D 18 -36.37 23.39 -19.11
N SER D 19 -36.22 22.73 -20.26
CA SER D 19 -37.29 21.94 -20.86
C SER D 19 -36.77 20.56 -21.24
N VAL D 20 -37.67 19.59 -21.26
CA VAL D 20 -37.31 18.25 -21.69
C VAL D 20 -36.92 18.27 -23.15
N GLY D 21 -35.74 17.71 -23.47
CA GLY D 21 -35.21 17.73 -24.81
C GLY D 21 -34.21 18.83 -25.07
N ASP D 22 -34.12 19.82 -24.19
CA ASP D 22 -33.20 20.94 -24.37
C ASP D 22 -31.77 20.51 -24.06
N ARG D 23 -30.82 21.21 -24.65
CA ARG D 23 -29.41 21.04 -24.34
C ARG D 23 -29.07 21.93 -23.15
N VAL D 24 -28.54 21.34 -22.08
CA VAL D 24 -28.31 22.04 -20.83
C VAL D 24 -26.81 22.09 -20.58
N THR D 25 -26.30 23.28 -20.25
CA THR D 25 -24.87 23.48 -20.00
C THR D 25 -24.71 24.22 -18.68
N ILE D 26 -24.01 23.59 -17.73
CA ILE D 26 -23.74 24.16 -16.41
C ILE D 26 -22.24 24.31 -16.25
N THR D 27 -21.79 25.53 -15.97
CA THR D 27 -20.36 25.78 -15.84
C THR D 27 -19.95 25.90 -14.37
N CYS D 28 -18.79 25.35 -14.04
CA CYS D 28 -18.26 25.33 -12.68
C CYS D 28 -16.89 26.03 -12.68
N ARG D 29 -16.89 27.31 -12.35
CA ARG D 29 -15.64 28.03 -12.22
C ARG D 29 -14.99 27.71 -10.88
N ALA D 30 -13.73 28.12 -10.75
CA ALA D 30 -12.95 27.77 -9.57
C ALA D 30 -12.36 28.99 -8.88
N SER D 31 -11.49 28.76 -7.90
CA SER D 31 -10.76 29.84 -7.24
C SER D 31 -9.39 30.01 -7.89
N GLN D 32 -8.51 29.04 -7.68
CA GLN D 32 -7.23 28.99 -8.35
C GLN D 32 -7.32 27.99 -9.51
N SER D 33 -6.18 27.46 -9.93
CA SER D 33 -6.14 26.57 -11.09
C SER D 33 -6.00 25.13 -10.63
N ILE D 34 -6.89 24.28 -11.12
CA ILE D 34 -6.77 22.83 -10.99
C ILE D 34 -6.24 22.29 -12.31
N ASN D 35 -5.23 21.43 -12.24
CA ASN D 35 -4.64 20.87 -13.46
C ASN D 35 -5.72 20.26 -14.35
N THR D 36 -6.43 19.26 -13.84
CA THR D 36 -7.57 18.71 -14.58
C THR D 36 -8.58 18.04 -13.67
N TRP D 37 -8.59 18.33 -12.38
CA TRP D 37 -9.35 17.56 -11.40
C TRP D 37 -10.67 18.27 -11.12
N LEU D 38 -11.77 17.63 -11.52
CA LEU D 38 -13.10 18.16 -11.22
C LEU D 38 -14.10 17.04 -11.43
N ALA D 39 -14.77 16.63 -10.37
CA ALA D 39 -15.80 15.60 -10.41
C ALA D 39 -17.18 16.23 -10.56
N TRP D 40 -18.09 15.47 -11.19
CA TRP D 40 -19.47 15.90 -11.36
C TRP D 40 -20.40 14.83 -10.81
N TYR D 41 -21.28 15.25 -9.90
CA TYR D 41 -22.25 14.39 -9.23
C TYR D 41 -23.68 14.86 -9.53
N GLN D 42 -24.60 13.89 -9.53
CA GLN D 42 -26.03 14.15 -9.63
C GLN D 42 -26.71 13.70 -8.35
N GLN D 43 -27.63 14.52 -7.84
CA GLN D 43 -28.33 14.23 -6.59
C GLN D 43 -29.81 14.52 -6.76
N LYS D 44 -30.66 13.49 -6.50
CA LYS D 44 -32.11 13.40 -6.44
C LYS D 44 -32.58 13.45 -4.99
N PRO D 45 -33.81 13.93 -4.74
CA PRO D 45 -34.26 14.09 -3.36
C PRO D 45 -34.32 12.77 -2.62
N GLY D 46 -33.84 12.79 -1.37
CA GLY D 46 -33.81 11.60 -0.55
C GLY D 46 -32.74 10.60 -0.87
N LYS D 47 -31.96 10.81 -1.94
CA LYS D 47 -30.96 9.87 -2.37
C LYS D 47 -29.56 10.48 -2.25
N ALA D 48 -28.57 9.60 -2.23
CA ALA D 48 -27.16 9.99 -2.17
C ALA D 48 -26.69 10.45 -3.55
N PRO D 49 -25.61 11.23 -3.60
CA PRO D 49 -25.09 11.68 -4.91
C PRO D 49 -24.54 10.52 -5.72
N ASN D 50 -24.57 10.67 -7.04
CA ASN D 50 -24.05 9.68 -7.97
C ASN D 50 -23.01 10.33 -8.86
N LEU D 51 -21.86 9.66 -9.02
CA LEU D 51 -20.73 10.21 -9.74
C LEU D 51 -20.98 10.14 -11.24
N LEU D 52 -21.27 11.28 -11.86
CA LEU D 52 -21.44 11.32 -13.29
C LEU D 52 -20.10 11.34 -14.02
N ILE D 53 -19.23 12.29 -13.69
CA ILE D 53 -17.99 12.45 -14.45
C ILE D 53 -16.80 12.61 -13.51
N SER D 54 -15.64 12.17 -13.98
CA SER D 54 -14.36 12.32 -13.29
C SER D 54 -13.32 12.82 -14.27
N LYS D 55 -12.28 13.46 -13.72
CA LYS D 55 -11.12 13.99 -14.47
C LYS D 55 -11.65 14.96 -15.52
N ALA D 56 -11.33 14.79 -16.80
CA ALA D 56 -11.73 15.75 -17.83
C ALA D 56 -13.17 15.48 -18.28
N SER D 57 -13.38 14.42 -19.05
CA SER D 57 -14.71 14.07 -19.52
C SER D 57 -14.94 12.57 -19.46
N SER D 58 -14.24 11.88 -18.56
CA SER D 58 -14.37 10.43 -18.39
C SER D 58 -15.60 10.16 -17.52
N LEU D 59 -16.76 10.20 -18.16
CA LEU D 59 -18.00 9.79 -17.50
C LEU D 59 -17.92 8.30 -17.16
N GLU D 60 -18.09 7.98 -15.88
CA GLU D 60 -17.96 6.60 -15.46
C GLU D 60 -19.03 5.74 -16.14
N SER D 61 -18.76 4.44 -16.20
CA SER D 61 -19.70 3.52 -16.83
C SER D 61 -21.08 3.61 -16.18
N GLY D 62 -22.09 3.20 -16.92
CA GLY D 62 -23.47 3.34 -16.51
C GLY D 62 -24.02 4.74 -16.63
N VAL D 63 -23.17 5.75 -16.86
CA VAL D 63 -23.62 7.12 -17.07
C VAL D 63 -24.02 7.26 -18.54
N PRO D 64 -25.26 7.65 -18.84
CA PRO D 64 -25.70 7.72 -20.23
C PRO D 64 -24.81 8.55 -21.15
N SER D 65 -24.86 8.26 -22.46
CA SER D 65 -23.99 8.90 -23.43
C SER D 65 -24.25 10.39 -23.58
N ARG D 66 -25.29 10.92 -22.93
CA ARG D 66 -25.63 12.33 -23.10
C ARG D 66 -24.76 13.24 -22.24
N PHE D 67 -24.37 12.79 -21.05
CA PHE D 67 -23.57 13.63 -20.17
C PHE D 67 -22.14 13.75 -20.70
N SER D 68 -21.66 14.99 -20.83
CA SER D 68 -20.34 15.26 -21.38
C SER D 68 -19.64 16.31 -20.53
N GLY D 69 -18.35 16.11 -20.27
CA GLY D 69 -17.57 17.02 -19.47
C GLY D 69 -16.63 17.89 -20.31
N SER D 70 -15.90 18.75 -19.62
CA SER D 70 -15.01 19.69 -20.30
C SER D 70 -14.11 20.38 -19.29
N GLY D 71 -13.17 21.17 -19.81
CA GLY D 71 -12.33 22.05 -19.05
C GLY D 71 -10.97 21.46 -18.73
N SER D 72 -10.03 22.35 -18.37
CA SER D 72 -8.70 21.88 -17.97
C SER D 72 -7.95 22.88 -17.10
N GLY D 73 -8.64 23.81 -16.43
CA GLY D 73 -7.96 24.79 -15.60
C GLY D 73 -8.86 25.35 -14.51
N THR D 74 -9.42 26.54 -14.75
CA THR D 74 -10.33 27.17 -13.80
C THR D 74 -11.74 27.29 -14.32
N GLU D 75 -12.02 26.80 -15.54
CA GLU D 75 -13.35 26.89 -16.14
C GLU D 75 -13.68 25.55 -16.78
N PHE D 76 -14.63 24.82 -16.19
CA PHE D 76 -15.14 23.55 -16.69
C PHE D 76 -16.65 23.66 -16.91
N THR D 77 -17.21 22.70 -17.66
CA THR D 77 -18.66 22.64 -17.82
C THR D 77 -19.14 21.20 -17.91
N LEU D 78 -20.41 21.02 -17.56
CA LEU D 78 -21.15 19.77 -17.70
C LEU D 78 -22.29 20.01 -18.69
N THR D 79 -22.35 19.20 -19.74
CA THR D 79 -23.30 19.36 -20.82
C THR D 79 -24.17 18.12 -20.92
N ILE D 80 -25.49 18.31 -20.81
CA ILE D 80 -26.47 17.27 -21.08
C ILE D 80 -27.04 17.55 -22.46
N SER D 81 -26.75 16.65 -23.40
CA SER D 81 -27.06 16.91 -24.81
C SER D 81 -28.56 17.04 -25.04
N SER D 82 -29.36 16.25 -24.32
CA SER D 82 -30.81 16.33 -24.43
C SER D 82 -31.39 15.95 -23.08
N LEU D 83 -32.00 16.91 -22.40
CA LEU D 83 -32.51 16.69 -21.05
C LEU D 83 -33.66 15.68 -21.07
N GLN D 84 -33.53 14.63 -20.28
CA GLN D 84 -34.51 13.56 -20.19
C GLN D 84 -35.40 13.75 -18.97
N PRO D 85 -36.60 13.14 -18.96
CA PRO D 85 -37.53 13.35 -17.84
C PRO D 85 -36.97 12.94 -16.49
N ASP D 86 -35.93 12.11 -16.46
CA ASP D 86 -35.35 11.62 -15.22
C ASP D 86 -34.13 12.42 -14.78
N ASP D 87 -33.82 13.51 -15.47
CA ASP D 87 -32.61 14.28 -15.21
C ASP D 87 -32.84 15.48 -14.29
N PHE D 88 -34.08 15.77 -13.91
CA PHE D 88 -34.36 16.97 -13.12
C PHE D 88 -33.95 16.71 -11.67
N ALA D 89 -32.70 17.07 -11.37
CA ALA D 89 -32.09 16.92 -10.06
C ALA D 89 -31.08 18.05 -9.90
N THR D 90 -30.31 18.04 -8.82
CA THR D 90 -29.31 19.08 -8.62
C THR D 90 -27.91 18.51 -8.82
N TYR D 91 -27.03 19.34 -9.37
CA TYR D 91 -25.74 18.88 -9.86
C TYR D 91 -24.59 19.57 -9.12
N PHE D 92 -23.58 18.79 -8.79
CA PHE D 92 -22.47 19.21 -7.95
C PHE D 92 -21.15 19.05 -8.69
N CYS D 93 -20.21 19.95 -8.43
CA CYS D 93 -18.84 19.80 -8.88
C CYS D 93 -17.90 19.77 -7.69
N GLN D 94 -16.95 18.85 -7.72
CA GLN D 94 -15.92 18.69 -6.71
C GLN D 94 -14.58 19.06 -7.34
N GLN D 95 -13.71 19.69 -6.56
CA GLN D 95 -12.44 20.20 -7.07
C GLN D 95 -11.31 19.64 -6.21
N TYR D 96 -10.67 18.57 -6.68
CA TYR D 96 -9.71 17.82 -5.86
C TYR D 96 -8.29 18.10 -6.33
N ASN D 97 -7.73 19.20 -5.83
CA ASN D 97 -6.30 19.46 -5.96
C ASN D 97 -5.62 19.12 -4.64
N SER D 98 -5.78 19.98 -3.65
CA SER D 98 -5.14 19.78 -2.36
C SER D 98 -5.81 18.65 -1.59
N TYR D 99 -5.15 18.25 -0.49
CA TYR D 99 -5.67 17.17 0.35
C TYR D 99 -7.10 17.43 0.80
N LEU D 100 -7.47 18.71 0.94
CA LEU D 100 -8.81 19.11 1.34
C LEU D 100 -9.68 19.29 0.10
N TYR D 101 -10.80 18.58 0.07
CA TYR D 101 -11.75 18.71 -1.02
C TYR D 101 -12.62 19.96 -0.85
N THR D 102 -13.15 20.45 -1.98
CA THR D 102 -14.10 21.54 -1.96
C THR D 102 -15.33 21.14 -2.77
N PHE D 103 -16.50 21.34 -2.18
CA PHE D 103 -17.78 20.96 -2.79
C PHE D 103 -18.57 22.22 -3.08
N GLY D 104 -18.52 22.68 -4.33
CA GLY D 104 -19.30 23.83 -4.74
C GLY D 104 -20.79 23.59 -4.57
N GLN D 105 -21.50 24.61 -4.06
CA GLN D 105 -22.93 24.48 -3.78
C GLN D 105 -23.68 24.12 -5.05
N GLY D 106 -24.72 23.31 -4.91
CA GLY D 106 -25.28 22.62 -6.05
C GLY D 106 -26.11 23.51 -6.96
N THR D 107 -26.38 22.99 -8.15
CA THR D 107 -27.18 23.64 -9.18
C THR D 107 -28.46 22.83 -9.38
N LYS D 108 -29.61 23.48 -9.19
CA LYS D 108 -30.89 22.80 -9.33
C LYS D 108 -31.47 23.05 -10.72
N VAL D 109 -31.85 21.96 -11.39
CA VAL D 109 -32.46 22.01 -12.72
C VAL D 109 -33.92 21.62 -12.59
N GLU D 110 -34.82 22.48 -13.06
CA GLU D 110 -36.24 22.16 -13.05
C GLU D 110 -36.90 22.67 -14.31
N ILE D 111 -38.05 22.07 -14.64
CA ILE D 111 -38.67 22.26 -15.94
C ILE D 111 -39.42 23.59 -15.97
N ARG D 112 -39.21 24.36 -17.04
CA ARG D 112 -39.81 25.67 -17.23
C ARG D 112 -41.17 25.54 -17.91
N ARG D 113 -42.12 26.38 -17.48
CA ARG D 113 -43.44 26.42 -18.11
C ARG D 113 -43.89 27.87 -18.27
N THR D 114 -45.06 28.04 -18.87
CA THR D 114 -45.66 29.36 -18.99
C THR D 114 -45.92 29.94 -17.60
N VAL D 115 -45.65 31.24 -17.46
CA VAL D 115 -45.73 31.92 -16.17
C VAL D 115 -47.11 31.70 -15.53
N ALA D 116 -47.11 31.15 -14.33
CA ALA D 116 -48.34 30.91 -13.58
C ALA D 116 -48.47 31.94 -12.47
N ALA D 117 -49.67 32.00 -11.89
CA ALA D 117 -49.95 32.89 -10.78
C ALA D 117 -50.52 32.09 -9.62
N PRO D 118 -50.12 32.40 -8.39
CA PRO D 118 -50.57 31.60 -7.24
C PRO D 118 -52.01 31.91 -6.85
N SER D 119 -52.70 30.89 -6.39
CA SER D 119 -53.98 31.07 -5.72
C SER D 119 -53.73 31.27 -4.23
N VAL D 120 -54.21 32.38 -3.68
CA VAL D 120 -53.88 32.80 -2.33
C VAL D 120 -55.08 32.57 -1.42
N PHE D 121 -54.84 31.92 -0.29
CA PHE D 121 -55.87 31.66 0.71
C PHE D 121 -55.31 32.01 2.09
N ILE D 122 -56.19 32.39 3.02
CA ILE D 122 -55.76 32.72 4.37
C ILE D 122 -56.66 32.01 5.39
N PHE D 123 -56.04 31.52 6.46
CA PHE D 123 -56.70 30.75 7.51
C PHE D 123 -56.42 31.43 8.85
N PRO D 124 -57.43 31.91 9.55
CA PRO D 124 -57.24 32.40 10.92
C PRO D 124 -57.02 31.23 11.88
N PRO D 125 -56.52 31.49 13.08
CA PRO D 125 -56.30 30.40 14.02
C PRO D 125 -57.63 29.84 14.54
N SER D 126 -57.67 28.52 14.70
CA SER D 126 -58.85 27.87 15.25
C SER D 126 -58.96 28.15 16.74
N ASP D 127 -60.21 28.13 17.24
CA ASP D 127 -60.41 28.29 18.67
C ASP D 127 -59.75 27.15 19.44
N GLU D 128 -59.62 25.97 18.82
CA GLU D 128 -58.90 24.88 19.44
C GLU D 128 -57.45 25.27 19.74
N GLN D 129 -56.81 25.99 18.83
CA GLN D 129 -55.44 26.44 19.11
C GLN D 129 -55.43 27.58 20.12
N LEU D 130 -56.44 28.44 20.08
CA LEU D 130 -56.52 29.50 21.08
C LEU D 130 -56.76 28.94 22.48
N LYS D 131 -57.17 27.68 22.59
CA LYS D 131 -57.15 27.02 23.89
C LYS D 131 -55.74 26.92 24.45
N SER D 132 -54.75 26.69 23.59
CA SER D 132 -53.40 26.37 24.01
C SER D 132 -52.50 27.59 24.19
N GLY D 133 -53.05 28.80 24.14
CA GLY D 133 -52.27 29.99 24.41
C GLY D 133 -51.37 30.44 23.28
N THR D 134 -51.65 30.05 22.04
CA THR D 134 -50.83 30.41 20.90
C THR D 134 -51.75 30.57 19.70
N ALA D 135 -51.35 31.46 18.78
CA ALA D 135 -52.16 31.77 17.60
C ALA D 135 -51.28 31.74 16.36
N SER D 136 -51.65 30.91 15.39
CA SER D 136 -50.94 30.80 14.12
C SER D 136 -51.90 31.11 12.98
N VAL D 137 -51.49 32.02 12.10
CA VAL D 137 -52.27 32.44 10.94
C VAL D 137 -51.54 31.92 9.70
N VAL D 138 -52.27 31.22 8.83
CA VAL D 138 -51.65 30.51 7.71
C VAL D 138 -52.04 31.17 6.40
N CYS D 139 -51.04 31.55 5.61
CA CYS D 139 -51.24 32.14 4.29
C CYS D 139 -50.67 31.16 3.26
N LEU D 140 -51.54 30.69 2.36
CA LEU D 140 -51.21 29.64 1.40
C LEU D 140 -51.14 30.20 -0.01
N LEU D 141 -50.05 29.91 -0.71
CA LEU D 141 -49.87 30.22 -2.13
C LEU D 141 -49.82 28.90 -2.88
N ASN D 142 -50.81 28.65 -3.74
CA ASN D 142 -50.98 27.35 -4.35
C ASN D 142 -50.74 27.40 -5.85
N ASN D 143 -49.92 26.45 -6.33
CA ASN D 143 -49.73 26.10 -7.73
C ASN D 143 -49.29 27.32 -8.55
N PHE D 144 -48.04 27.72 -8.33
CA PHE D 144 -47.47 28.87 -9.02
C PHE D 144 -46.13 28.51 -9.65
N TYR D 145 -45.78 29.30 -10.66
CA TYR D 145 -44.48 29.24 -11.32
C TYR D 145 -44.18 30.60 -11.93
N PRO D 146 -42.93 31.08 -11.81
CA PRO D 146 -41.74 30.44 -11.23
C PRO D 146 -41.66 30.50 -9.71
N ARG D 147 -40.54 30.01 -9.17
CA ARG D 147 -40.30 29.99 -7.74
C ARG D 147 -39.98 31.38 -7.18
N GLU D 148 -39.82 32.38 -8.04
CA GLU D 148 -39.47 33.73 -7.63
C GLU D 148 -40.72 34.46 -7.16
N ALA D 149 -40.84 34.71 -5.85
CA ALA D 149 -42.07 35.27 -5.27
C ALA D 149 -41.74 35.92 -3.92
N LYS D 150 -42.75 36.56 -3.32
CA LYS D 150 -42.56 37.23 -2.04
C LYS D 150 -43.86 37.33 -1.25
N VAL D 151 -43.77 37.21 0.08
CA VAL D 151 -44.91 37.26 1.00
C VAL D 151 -44.52 38.10 2.22
N GLN D 152 -45.39 39.03 2.62
CA GLN D 152 -45.14 39.85 3.80
C GLN D 152 -46.41 40.02 4.63
N TRP D 153 -46.25 40.21 5.93
CA TRP D 153 -47.35 40.25 6.88
C TRP D 153 -47.59 41.64 7.44
N LYS D 154 -48.86 41.98 7.64
CA LYS D 154 -49.27 43.23 8.28
C LYS D 154 -50.31 42.94 9.34
N VAL D 155 -50.12 43.54 10.53
CA VAL D 155 -51.03 43.42 11.66
C VAL D 155 -51.41 44.83 12.09
N ASP D 156 -52.70 45.17 11.90
CA ASP D 156 -53.19 46.53 12.13
C ASP D 156 -52.36 47.56 11.36
N ASN D 157 -52.10 47.25 10.08
CA ASN D 157 -51.37 48.08 9.12
C ASN D 157 -49.90 48.24 9.44
N ALA D 158 -49.36 47.44 10.37
CA ALA D 158 -47.96 47.52 10.76
C ALA D 158 -47.23 46.30 10.21
N LEU D 159 -46.16 46.54 9.46
CA LEU D 159 -45.38 45.45 8.88
C LEU D 159 -44.68 44.65 9.96
N GLN D 160 -44.67 43.34 9.80
CA GLN D 160 -44.18 42.42 10.81
C GLN D 160 -42.81 41.87 10.43
N SER D 161 -42.02 41.56 11.44
CA SER D 161 -40.61 41.22 11.24
C SER D 161 -40.19 40.21 12.31
N GLY D 162 -39.77 39.03 11.86
CA GLY D 162 -39.22 38.04 12.77
C GLY D 162 -40.23 37.26 13.58
N ASN D 163 -41.41 36.98 13.01
CA ASN D 163 -42.39 36.15 13.69
C ASN D 163 -43.19 35.28 12.71
N SER D 164 -42.62 35.00 11.55
CA SER D 164 -43.29 34.18 10.54
C SER D 164 -42.28 33.22 9.91
N GLN D 165 -42.81 32.19 9.25
CA GLN D 165 -41.99 31.13 8.67
C GLN D 165 -42.53 30.73 7.30
N GLU D 166 -41.63 30.26 6.43
CA GLU D 166 -41.95 29.94 5.05
C GLU D 166 -41.46 28.55 4.68
N SER D 167 -42.34 27.72 4.15
CA SER D 167 -41.99 26.38 3.69
C SER D 167 -42.49 26.20 2.25
N VAL D 168 -41.68 25.53 1.44
CA VAL D 168 -41.94 25.39 0.01
C VAL D 168 -41.88 23.93 -0.39
N THR D 169 -42.86 23.48 -1.17
CA THR D 169 -42.80 22.18 -1.82
C THR D 169 -41.93 22.25 -3.07
N GLU D 170 -41.33 21.12 -3.43
CA GLU D 170 -40.65 21.04 -4.71
C GLU D 170 -41.68 20.79 -5.82
N GLN D 171 -41.19 20.72 -7.05
CA GLN D 171 -42.07 20.78 -8.21
C GLN D 171 -43.06 19.62 -8.25
N ASP D 172 -44.21 19.88 -8.86
CA ASP D 172 -45.28 18.90 -8.99
C ASP D 172 -45.05 18.01 -10.20
N SER D 173 -45.37 16.72 -10.06
CA SER D 173 -45.08 15.78 -11.13
C SER D 173 -46.00 15.94 -12.33
N LYS D 174 -47.14 16.63 -12.17
CA LYS D 174 -48.09 16.83 -13.27
C LYS D 174 -47.92 18.17 -13.94
N ASP D 175 -48.13 19.26 -13.21
CA ASP D 175 -48.09 20.61 -13.79
C ASP D 175 -46.80 21.36 -13.46
N SER D 176 -45.89 20.75 -12.70
CA SER D 176 -44.57 21.33 -12.39
C SER D 176 -44.69 22.74 -11.81
N THR D 177 -45.61 22.89 -10.85
CA THR D 177 -45.77 24.13 -10.11
C THR D 177 -45.31 23.95 -8.67
N TYR D 178 -45.03 25.06 -8.01
CA TYR D 178 -44.65 25.06 -6.60
C TYR D 178 -45.81 25.56 -5.74
N SER D 179 -45.73 25.27 -4.45
CA SER D 179 -46.67 25.77 -3.47
C SER D 179 -45.91 26.18 -2.23
N LEU D 180 -46.45 27.17 -1.50
CA LEU D 180 -45.74 27.79 -0.39
C LEU D 180 -46.72 28.06 0.77
N SER D 181 -46.22 27.88 1.99
CA SER D 181 -46.96 28.19 3.20
C SER D 181 -46.18 29.21 4.01
N SER D 182 -46.87 30.27 4.45
CA SER D 182 -46.30 31.28 5.33
C SER D 182 -47.14 31.35 6.59
N THR D 183 -46.51 31.07 7.74
CA THR D 183 -47.23 30.95 9.01
C THR D 183 -46.73 32.00 9.98
N LEU D 184 -47.64 32.86 10.44
CA LEU D 184 -47.35 33.89 11.42
C LEU D 184 -47.80 33.42 12.79
N THR D 185 -46.90 33.42 13.76
CA THR D 185 -47.19 32.89 15.09
C THR D 185 -47.02 33.97 16.14
N LEU D 186 -48.08 34.23 16.89
CA LEU D 186 -48.08 35.14 18.03
C LEU D 186 -48.58 34.39 19.26
N SER D 187 -48.40 35.02 20.42
CA SER D 187 -49.07 34.54 21.63
C SER D 187 -50.53 34.94 21.59
N LYS D 188 -51.35 34.20 22.35
CA LYS D 188 -52.78 34.47 22.38
C LYS D 188 -53.08 35.89 22.85
N ALA D 189 -52.34 36.37 23.86
CA ALA D 189 -52.54 37.73 24.34
C ALA D 189 -52.23 38.74 23.24
N ASP D 190 -51.05 38.63 22.62
CA ASP D 190 -50.69 39.51 21.52
C ASP D 190 -51.71 39.42 20.39
N TYR D 191 -52.20 38.21 20.10
CA TYR D 191 -53.17 38.06 19.02
C TYR D 191 -54.47 38.79 19.34
N GLU D 192 -54.91 38.73 20.60
CA GLU D 192 -56.13 39.40 20.99
C GLU D 192 -55.96 40.90 21.17
N LYS D 193 -54.73 41.41 21.18
CA LYS D 193 -54.55 42.86 21.23
C LYS D 193 -54.73 43.55 19.88
N HIS D 194 -55.04 42.82 18.80
CA HIS D 194 -55.08 43.42 17.46
C HIS D 194 -56.29 42.92 16.69
N LYS D 195 -56.58 43.59 15.56
CA LYS D 195 -57.81 43.37 14.82
C LYS D 195 -57.57 42.83 13.41
N VAL D 196 -56.86 43.57 12.55
CA VAL D 196 -56.75 43.24 11.13
C VAL D 196 -55.48 42.43 10.89
N TYR D 197 -55.61 41.34 10.14
CA TYR D 197 -54.48 40.48 9.80
C TYR D 197 -54.43 40.27 8.29
N ALA D 198 -53.27 40.53 7.68
CA ALA D 198 -53.18 40.50 6.22
C ALA D 198 -51.84 39.97 5.76
N CYS D 199 -51.85 39.21 4.65
CA CYS D 199 -50.65 38.82 3.94
C CYS D 199 -50.69 39.33 2.51
N GLU D 200 -49.56 39.89 2.06
CA GLU D 200 -49.41 40.46 0.74
C GLU D 200 -48.43 39.62 -0.06
N VAL D 201 -48.81 39.30 -1.29
CA VAL D 201 -48.11 38.36 -2.16
C VAL D 201 -47.75 39.08 -3.46
N THR D 202 -46.49 38.95 -3.88
CA THR D 202 -46.02 39.48 -5.16
C THR D 202 -45.37 38.38 -5.98
N HIS D 203 -45.69 38.36 -7.26
CA HIS D 203 -45.29 37.30 -8.18
C HIS D 203 -45.43 37.79 -9.62
N GLN D 204 -44.69 37.15 -10.52
CA GLN D 204 -44.66 37.59 -11.92
C GLN D 204 -45.98 37.30 -12.63
N GLY D 205 -46.72 36.30 -12.16
CA GLY D 205 -48.02 36.02 -12.72
C GLY D 205 -49.10 36.99 -12.30
N LEU D 206 -48.76 37.97 -11.46
CA LEU D 206 -49.70 38.95 -10.95
C LEU D 206 -49.27 40.34 -11.39
N SER D 207 -50.17 41.07 -12.05
CA SER D 207 -49.84 42.44 -12.45
C SER D 207 -49.84 43.40 -11.26
N SER D 208 -50.59 43.07 -10.21
CA SER D 208 -50.67 43.84 -8.99
C SER D 208 -50.63 42.89 -7.80
N PRO D 209 -50.06 43.32 -6.67
CA PRO D 209 -49.95 42.42 -5.51
C PRO D 209 -51.32 41.99 -5.01
N VAL D 210 -51.36 40.77 -4.45
CA VAL D 210 -52.59 40.20 -3.93
C VAL D 210 -52.54 40.23 -2.41
N THR D 211 -53.56 40.82 -1.79
CA THR D 211 -53.64 40.94 -0.35
C THR D 211 -54.84 40.16 0.17
N LYS D 212 -54.61 39.25 1.11
CA LYS D 212 -55.68 38.50 1.77
C LYS D 212 -55.68 38.85 3.26
N SER D 213 -56.86 39.14 3.80
CA SER D 213 -56.94 39.70 5.14
C SER D 213 -58.24 39.31 5.82
N PHE D 214 -58.28 39.48 7.14
CA PHE D 214 -59.50 39.26 7.90
C PHE D 214 -59.44 40.07 9.20
N ASN D 215 -60.62 40.21 9.81
CA ASN D 215 -60.77 40.84 11.12
C ASN D 215 -60.92 39.76 12.18
N ARG D 216 -60.19 39.91 13.28
CA ARG D 216 -60.29 38.95 14.37
C ARG D 216 -61.70 38.96 14.97
N GLY D 217 -62.28 37.76 15.13
CA GLY D 217 -63.61 37.61 15.66
C GLY D 217 -64.71 37.65 14.63
N GLU D 218 -64.48 38.24 13.47
CA GLU D 218 -65.49 38.29 12.42
C GLU D 218 -65.43 37.05 11.55
N GLN E 6 -21.57 -6.73 -6.25
CA GLN E 6 -22.40 -6.14 -5.22
C GLN E 6 -21.59 -5.18 -4.33
N VAL E 7 -20.87 -4.28 -4.98
CA VAL E 7 -20.07 -3.25 -4.31
C VAL E 7 -20.98 -2.22 -3.66
N GLN E 8 -20.92 -2.11 -2.34
CA GLN E 8 -21.79 -1.16 -1.64
C GLN E 8 -21.23 -0.81 -0.27
N LEU E 9 -21.69 0.33 0.25
CA LEU E 9 -21.34 0.83 1.57
C LEU E 9 -22.62 0.95 2.38
N VAL E 10 -22.65 0.39 3.60
CA VAL E 10 -23.85 0.39 4.44
C VAL E 10 -23.58 1.17 5.72
N GLN E 11 -24.36 2.22 5.94
CA GLN E 11 -24.24 3.09 7.12
C GLN E 11 -25.25 2.73 8.21
N SER E 12 -24.96 3.20 9.43
CA SER E 12 -25.84 3.04 10.58
C SER E 12 -27.07 3.94 10.48
N GLY E 13 -28.08 3.63 11.33
CA GLY E 13 -29.35 4.33 11.32
C GLY E 13 -29.32 5.73 11.96
N ALA E 14 -30.40 6.49 11.69
CA ALA E 14 -30.59 7.83 12.22
C ALA E 14 -30.29 7.91 13.71
N GLU E 15 -29.69 9.05 14.11
CA GLU E 15 -29.32 9.32 15.49
C GLU E 15 -29.82 10.70 15.94
N VAL E 16 -30.17 10.81 17.23
CA VAL E 16 -30.60 12.06 17.86
C VAL E 16 -29.73 12.27 19.08
N LYS E 17 -29.02 13.40 19.13
CA LYS E 17 -28.06 13.69 20.17
C LYS E 17 -28.27 15.08 20.74
N LYS E 18 -27.84 15.28 22.02
CA LYS E 18 -27.91 16.54 22.72
C LYS E 18 -26.60 17.31 22.51
N PRO E 19 -26.63 18.64 22.52
CA PRO E 19 -25.37 19.39 22.39
C PRO E 19 -24.38 19.00 23.48
N GLY E 20 -23.11 18.88 23.06
CA GLY E 20 -22.03 18.48 23.95
C GLY E 20 -21.72 17.00 23.91
N ALA E 21 -22.64 16.18 23.40
CA ALA E 21 -22.45 14.74 23.32
C ALA E 21 -21.63 14.39 22.08
N SER E 22 -21.39 13.09 21.87
CA SER E 22 -20.64 12.63 20.71
C SER E 22 -21.46 11.59 19.96
N VAL E 23 -21.12 11.42 18.68
CA VAL E 23 -21.82 10.48 17.80
C VAL E 23 -20.79 9.65 17.04
N ARG E 24 -21.12 8.39 16.82
CA ARG E 24 -20.29 7.47 16.05
C ARG E 24 -21.14 6.88 14.94
N VAL E 25 -20.64 6.98 13.71
CA VAL E 25 -21.33 6.48 12.53
C VAL E 25 -20.41 5.48 11.86
N SER E 26 -20.97 4.34 11.47
CA SER E 26 -20.20 3.29 10.81
C SER E 26 -20.57 3.20 9.34
N CYS E 27 -19.61 2.69 8.57
CA CYS E 27 -19.75 2.56 7.12
C CYS E 27 -19.10 1.21 6.81
N LYS E 28 -19.91 0.21 6.55
CA LYS E 28 -19.43 -1.15 6.32
C LYS E 28 -19.36 -1.40 4.81
N ALA E 29 -18.16 -1.67 4.33
CA ALA E 29 -17.90 -1.94 2.91
C ALA E 29 -18.26 -3.38 2.57
N SER E 30 -18.62 -3.59 1.30
CA SER E 30 -19.00 -4.92 0.85
C SER E 30 -18.82 -5.02 -0.65
N GLY E 31 -18.43 -6.23 -1.09
CA GLY E 31 -18.24 -6.52 -2.50
C GLY E 31 -16.98 -5.98 -3.13
N TYR E 32 -16.00 -5.56 -2.32
CA TYR E 32 -14.75 -5.03 -2.86
C TYR E 32 -13.68 -5.12 -1.78
N THR E 33 -12.42 -4.98 -2.21
CA THR E 33 -11.28 -5.06 -1.29
C THR E 33 -11.12 -3.73 -0.56
N PHE E 34 -11.65 -3.70 0.67
CA PHE E 34 -11.60 -2.53 1.54
C PHE E 34 -10.19 -1.98 1.71
N THR E 35 -9.21 -2.86 1.89
CA THR E 35 -7.83 -2.40 2.11
C THR E 35 -7.22 -1.72 0.90
N SER E 36 -7.82 -1.82 -0.28
CA SER E 36 -7.22 -1.19 -1.44
C SER E 36 -7.93 0.09 -1.82
N TYR E 37 -8.82 0.59 -0.95
CA TYR E 37 -9.53 1.83 -1.23
C TYR E 37 -9.64 2.65 0.05
N GLY E 38 -9.87 3.95 -0.15
CA GLY E 38 -10.12 4.89 0.91
C GLY E 38 -11.60 5.17 1.15
N ILE E 39 -11.87 5.87 2.26
CA ILE E 39 -13.23 6.22 2.62
C ILE E 39 -13.23 7.70 2.99
N SER E 40 -14.09 8.48 2.32
CA SER E 40 -14.28 9.89 2.63
C SER E 40 -15.62 10.09 3.31
N TRP E 41 -15.67 11.08 4.20
CA TRP E 41 -16.88 11.47 4.91
C TRP E 41 -17.26 12.89 4.51
N VAL E 42 -18.52 13.06 4.07
CA VAL E 42 -19.09 14.33 3.62
C VAL E 42 -20.48 14.50 4.24
N ARG E 43 -20.79 15.72 4.68
CA ARG E 43 -22.08 16.01 5.31
C ARG E 43 -22.85 17.01 4.46
N GLN E 44 -24.17 17.00 4.63
CA GLN E 44 -25.12 17.86 3.91
C GLN E 44 -26.14 18.43 4.87
N ALA E 45 -26.06 19.73 5.14
CA ALA E 45 -27.03 20.33 6.03
C ALA E 45 -28.37 20.44 5.29
N PRO E 46 -29.48 20.43 6.02
CA PRO E 46 -30.79 20.46 5.37
C PRO E 46 -31.01 21.53 4.32
N GLY E 47 -31.35 21.09 3.11
CA GLY E 47 -31.56 21.97 1.97
C GLY E 47 -30.37 22.80 1.58
N GLN E 48 -29.17 22.31 1.83
CA GLN E 48 -27.91 22.98 1.53
C GLN E 48 -27.01 22.05 0.71
N GLY E 49 -25.86 22.58 0.31
CA GLY E 49 -24.89 21.80 -0.45
C GLY E 49 -24.05 20.91 0.46
N LEU E 50 -23.15 20.16 -0.17
CA LEU E 50 -22.29 19.22 0.51
C LEU E 50 -21.00 19.82 1.04
N GLU E 51 -20.57 19.33 2.20
CA GLU E 51 -19.33 19.73 2.88
C GLU E 51 -18.50 18.49 3.12
N TRP E 52 -17.25 18.50 2.64
CA TRP E 52 -16.35 17.38 2.89
C TRP E 52 -15.81 17.46 4.30
N MET E 53 -15.87 16.34 5.04
CA MET E 53 -15.40 16.31 6.41
C MET E 53 -14.03 15.68 6.59
N GLY E 54 -13.71 14.61 5.87
CA GLY E 54 -12.41 14.01 6.11
C GLY E 54 -12.28 12.68 5.40
N TRP E 55 -11.06 12.17 5.37
CA TRP E 55 -10.80 10.96 4.60
C TRP E 55 -9.74 10.11 5.28
N ILE E 56 -9.91 8.79 5.22
CA ILE E 56 -8.95 7.84 5.78
C ILE E 56 -8.72 6.70 4.79
N SER E 57 -7.44 6.31 4.67
CA SER E 57 -7.02 5.20 3.80
C SER E 57 -7.22 3.86 4.47
N GLY E 58 -7.87 2.93 3.76
CA GLY E 58 -8.00 1.60 4.31
C GLY E 58 -6.70 0.80 4.30
N TYR E 59 -5.72 1.23 3.50
CA TYR E 59 -4.42 0.60 3.40
C TYR E 59 -3.45 1.21 4.41
N ASP E 60 -3.15 2.50 4.22
CA ASP E 60 -2.15 3.24 4.98
C ASP E 60 -2.66 3.69 6.35
N GLY E 61 -3.94 4.02 6.47
CA GLY E 61 -4.47 4.55 7.70
C GLY E 61 -4.20 6.02 7.90
N ASN E 62 -3.53 6.67 6.96
CA ASN E 62 -3.28 8.10 7.04
C ASN E 62 -4.58 8.86 6.83
N THR E 63 -4.71 10.01 7.48
CA THR E 63 -5.96 10.75 7.49
C THR E 63 -5.79 12.18 6.98
N ASN E 64 -6.92 12.76 6.57
CA ASN E 64 -6.98 14.17 6.15
C ASN E 64 -8.31 14.79 6.59
N TYR E 65 -8.26 15.64 7.61
CA TYR E 65 -9.43 16.33 8.17
C TYR E 65 -9.58 17.77 7.72
N ALA E 66 -10.84 18.20 7.61
CA ALA E 66 -11.11 19.60 7.32
C ALA E 66 -10.75 20.44 8.54
N GLN E 67 -10.14 21.60 8.29
CA GLN E 67 -9.71 22.51 9.35
C GLN E 67 -10.84 22.84 10.34
N LYS E 68 -12.02 23.14 9.82
CA LYS E 68 -13.18 23.50 10.63
C LYS E 68 -13.51 22.44 11.68
N LEU E 69 -13.40 21.17 11.33
CA LEU E 69 -13.74 20.05 12.19
C LEU E 69 -12.52 19.52 12.96
N GLN E 70 -11.33 20.06 12.68
CA GLN E 70 -10.10 19.65 13.34
C GLN E 70 -10.20 19.64 14.87
N GLY E 71 -9.76 18.52 15.45
CA GLY E 71 -9.78 18.26 16.89
C GLY E 71 -11.05 17.67 17.43
N ARG E 72 -12.17 17.81 16.72
CA ARG E 72 -13.45 17.28 17.14
C ARG E 72 -13.81 15.99 16.41
N VAL E 73 -13.26 15.77 15.23
CA VAL E 73 -13.59 14.57 14.48
C VAL E 73 -12.39 13.63 14.47
N THR E 74 -12.71 12.34 14.46
CA THR E 74 -11.74 11.27 14.37
C THR E 74 -12.34 10.20 13.47
N MET E 75 -11.56 9.70 12.54
CA MET E 75 -12.00 8.62 11.67
C MET E 75 -11.08 7.44 11.92
N THR E 76 -11.67 6.25 12.01
CA THR E 76 -10.91 5.06 12.26
C THR E 76 -11.31 4.00 11.25
N THR E 77 -10.54 2.91 11.25
CA THR E 77 -10.82 1.82 10.32
C THR E 77 -10.58 0.50 11.03
N ASP E 78 -11.33 -0.52 10.62
CA ASP E 78 -11.19 -1.89 11.07
C ASP E 78 -11.05 -2.78 9.84
N THR E 79 -9.80 -3.02 9.43
CA THR E 79 -9.46 -3.83 8.26
C THR E 79 -9.89 -5.28 8.41
N SER E 80 -10.24 -5.73 9.62
CA SER E 80 -10.68 -7.10 9.81
C SER E 80 -12.15 -7.27 9.48
N THR E 81 -12.96 -6.26 9.76
CA THR E 81 -14.39 -6.29 9.51
C THR E 81 -14.76 -5.41 8.32
N SER E 82 -13.77 -4.82 7.66
CA SER E 82 -13.96 -3.93 6.52
C SER E 82 -14.93 -2.80 6.85
N THR E 83 -14.67 -2.14 7.98
CA THR E 83 -15.58 -1.09 8.42
C THR E 83 -14.83 0.18 8.73
N ALA E 84 -15.38 1.31 8.29
CA ALA E 84 -14.82 2.61 8.60
C ALA E 84 -15.74 3.30 9.58
N TYR E 85 -15.17 4.03 10.52
CA TYR E 85 -15.96 4.69 11.54
C TYR E 85 -15.60 6.17 11.56
N MET E 86 -16.58 6.99 11.89
CA MET E 86 -16.33 8.41 12.04
C MET E 86 -17.00 8.79 13.34
N GLU E 87 -16.27 9.52 14.19
CA GLU E 87 -16.78 10.00 15.45
C GLU E 87 -16.66 11.51 15.50
N LEU E 88 -17.76 12.17 15.84
CA LEU E 88 -17.78 13.62 16.01
C LEU E 88 -18.17 13.91 17.45
N ARG E 89 -17.28 14.56 18.19
CA ARG E 89 -17.47 14.88 19.59
C ARG E 89 -17.86 16.35 19.73
N SER E 90 -18.26 16.72 20.95
CA SER E 90 -18.67 18.08 21.28
C SER E 90 -19.69 18.61 20.27
N LEU E 91 -20.72 17.82 20.04
CA LEU E 91 -21.77 18.14 19.07
C LEU E 91 -22.38 19.50 19.35
N ARG E 92 -22.72 20.21 18.26
CA ARG E 92 -23.34 21.52 18.32
C ARG E 92 -24.51 21.59 17.34
N SER E 93 -25.51 22.41 17.66
CA SER E 93 -26.70 22.60 16.85
C SER E 93 -26.47 22.63 15.35
N ASP E 94 -25.45 23.34 14.90
CA ASP E 94 -25.16 23.44 13.47
C ASP E 94 -24.64 22.14 12.87
N ASP E 95 -24.39 21.11 13.67
CA ASP E 95 -23.98 19.82 13.13
C ASP E 95 -25.16 18.99 12.64
N THR E 96 -26.40 19.45 12.81
CA THR E 96 -27.55 18.71 12.31
C THR E 96 -27.43 18.57 10.80
N ALA E 97 -27.33 17.33 10.31
CA ALA E 97 -27.10 17.14 8.87
C ALA E 97 -27.22 15.66 8.51
N VAL E 98 -27.14 15.38 7.21
CA VAL E 98 -27.05 14.02 6.69
C VAL E 98 -25.58 13.71 6.39
N TYR E 99 -25.07 12.65 7.01
CA TYR E 99 -23.68 12.20 6.87
C TYR E 99 -23.52 11.02 5.92
N TYR E 100 -22.62 11.17 4.94
CA TYR E 100 -22.32 10.16 3.93
C TYR E 100 -20.87 9.69 3.97
N CYS E 101 -20.66 8.40 3.68
CA CYS E 101 -19.34 7.82 3.44
C CYS E 101 -19.24 7.42 1.97
N ALA E 102 -18.05 7.54 1.39
CA ALA E 102 -17.87 7.18 -0.01
C ALA E 102 -16.48 6.60 -0.29
N ARG E 103 -16.45 5.60 -1.17
CA ARG E 103 -15.19 4.99 -1.60
C ARG E 103 -14.34 5.97 -2.38
N ASP E 104 -13.03 5.97 -2.12
CA ASP E 104 -12.13 6.93 -2.73
C ASP E 104 -10.74 6.29 -2.84
N GLY E 105 -9.74 7.13 -3.09
CA GLY E 105 -8.36 6.69 -3.22
C GLY E 105 -7.81 6.11 -1.94
N PRO E 106 -6.75 5.31 -2.03
CA PRO E 106 -6.06 4.90 -0.80
C PRO E 106 -4.99 5.88 -0.35
N GLN E 107 -4.62 6.84 -1.21
CA GLN E 107 -3.61 7.84 -0.86
C GLN E 107 -4.04 9.19 -1.43
N VAL E 108 -4.94 9.85 -0.71
CA VAL E 108 -5.46 11.14 -1.17
C VAL E 108 -4.48 12.25 -0.82
N GLY E 109 -4.37 12.58 0.48
CA GLY E 109 -3.39 13.56 0.90
C GLY E 109 -1.98 13.03 0.78
N ASP E 110 -1.60 12.63 -0.43
CA ASP E 110 -0.37 11.89 -0.67
C ASP E 110 0.78 12.88 -0.88
N PHE E 111 1.87 12.43 -1.52
CA PHE E 111 3.10 13.20 -1.52
C PHE E 111 3.24 14.08 -2.77
N ASP E 112 3.22 13.48 -3.96
CA ASP E 112 3.30 14.32 -5.15
C ASP E 112 2.05 14.24 -6.00
N TRP E 113 2.00 13.33 -6.98
CA TRP E 113 0.85 13.20 -7.87
C TRP E 113 -0.01 12.03 -7.40
N GLN E 114 -1.20 12.34 -6.88
CA GLN E 114 -2.23 11.33 -6.68
C GLN E 114 -2.93 10.97 -7.98
N VAL E 115 -2.15 10.88 -9.08
CA VAL E 115 -2.72 10.77 -10.41
C VAL E 115 -3.10 9.33 -10.73
N TYR E 116 -2.50 8.36 -10.06
CA TYR E 116 -2.74 6.95 -10.33
C TYR E 116 -4.21 6.61 -10.13
N TYR E 117 -4.98 7.59 -9.66
CA TYR E 117 -6.43 7.49 -9.49
C TYR E 117 -7.07 8.66 -10.21
N TYR E 118 -7.50 8.43 -11.46
CA TYR E 118 -8.15 9.49 -12.23
C TYR E 118 -9.67 9.39 -12.15
N TYR E 119 -10.19 8.97 -10.99
CA TYR E 119 -11.63 8.80 -10.80
C TYR E 119 -12.15 9.62 -9.61
N GLY E 120 -12.18 9.02 -8.42
CA GLY E 120 -12.69 9.77 -7.28
C GLY E 120 -13.70 9.04 -6.41
N MET E 121 -14.83 9.68 -6.06
CA MET E 121 -15.87 9.03 -5.26
C MET E 121 -16.97 8.33 -6.06
N ASP E 122 -16.78 7.04 -6.35
CA ASP E 122 -17.67 6.28 -7.24
C ASP E 122 -18.79 5.51 -6.52
N VAL E 123 -18.64 5.22 -5.21
CA VAL E 123 -19.64 4.48 -4.43
C VAL E 123 -19.97 5.21 -3.13
N TRP E 124 -21.27 5.33 -2.84
CA TRP E 124 -21.76 6.07 -1.67
C TRP E 124 -22.65 5.24 -0.75
N GLY E 125 -22.57 5.55 0.55
CA GLY E 125 -23.47 4.97 1.54
C GLY E 125 -24.85 5.62 1.46
N GLN E 126 -25.83 5.01 2.12
CA GLN E 126 -27.19 5.55 2.03
C GLN E 126 -27.39 6.84 2.82
N GLY E 127 -26.45 7.21 3.67
CA GLY E 127 -26.52 8.39 4.52
C GLY E 127 -27.12 8.13 5.88
N THR E 128 -26.73 8.94 6.85
CA THR E 128 -27.18 8.85 8.23
C THR E 128 -27.63 10.24 8.70
N THR E 129 -28.89 10.37 9.10
CA THR E 129 -29.36 11.65 9.61
C THR E 129 -28.95 11.78 11.07
N VAL E 130 -28.35 12.92 11.40
CA VAL E 130 -27.96 13.22 12.77
C VAL E 130 -28.60 14.55 13.16
N THR E 131 -29.47 14.48 14.16
CA THR E 131 -30.16 15.66 14.70
C THR E 131 -29.54 16.06 16.03
N VAL E 132 -29.25 17.34 16.20
CA VAL E 132 -28.62 17.86 17.41
C VAL E 132 -29.55 18.88 18.04
N SER E 133 -30.18 18.51 19.15
CA SER E 133 -31.07 19.42 19.87
C SER E 133 -31.17 18.97 21.32
N SER E 134 -31.35 19.95 22.22
CA SER E 134 -31.33 19.72 23.65
C SER E 134 -32.48 18.84 24.13
N ALA E 135 -33.71 19.37 24.01
CA ALA E 135 -34.88 18.74 24.63
C ALA E 135 -35.22 17.39 24.02
N SER E 136 -36.24 16.72 24.56
CA SER E 136 -36.66 15.41 24.10
C SER E 136 -37.91 15.54 23.22
N THR E 137 -38.57 14.43 22.99
CA THR E 137 -39.63 14.35 21.99
C THR E 137 -40.93 14.99 22.50
N LYS E 138 -41.83 15.29 21.56
CA LYS E 138 -43.13 15.85 21.91
C LYS E 138 -43.98 15.61 20.67
N GLY E 139 -45.18 15.03 20.84
CA GLY E 139 -46.08 14.80 19.72
C GLY E 139 -46.76 16.05 19.20
N PRO E 140 -47.23 16.02 17.96
CA PRO E 140 -47.81 17.23 17.37
C PRO E 140 -49.23 17.54 17.84
N SER E 141 -49.56 18.83 17.69
CA SER E 141 -50.88 19.40 17.89
C SER E 141 -51.51 19.58 16.51
N VAL E 142 -52.63 18.90 16.26
CA VAL E 142 -53.24 18.91 14.93
C VAL E 142 -54.48 19.80 14.97
N PHE E 143 -54.38 20.99 14.32
CA PHE E 143 -55.45 21.98 14.24
C PHE E 143 -56.05 22.03 12.84
N PRO E 144 -57.36 22.18 12.70
CA PRO E 144 -57.95 22.23 11.35
C PRO E 144 -57.76 23.58 10.69
N LEU E 145 -57.63 23.55 9.36
CA LEU E 145 -57.59 24.73 8.51
C LEU E 145 -58.88 24.67 7.68
N ALA E 146 -59.93 25.22 8.27
CA ALA E 146 -61.30 25.17 7.75
C ALA E 146 -61.49 25.93 6.44
N PRO E 147 -62.20 25.34 5.48
CA PRO E 147 -62.55 26.07 4.25
C PRO E 147 -63.62 27.12 4.51
N SER E 148 -63.42 28.32 3.97
CA SER E 148 -64.36 29.42 4.16
C SER E 148 -64.34 30.30 2.92
N SER E 149 -65.10 31.40 2.97
CA SER E 149 -65.10 32.34 1.85
C SER E 149 -63.72 32.93 1.59
N LYS E 150 -62.91 33.06 2.64
CA LYS E 150 -61.55 33.56 2.51
C LYS E 150 -60.61 32.55 1.85
N SER E 151 -61.00 31.29 1.77
CA SER E 151 -60.23 30.24 1.13
C SER E 151 -61.03 29.55 0.03
N THR E 152 -61.88 30.32 -0.65
CA THR E 152 -62.70 29.84 -1.76
C THR E 152 -62.71 30.90 -2.84
N SER E 153 -62.49 30.46 -4.08
CA SER E 153 -62.56 31.36 -5.24
C SER E 153 -63.08 30.56 -6.42
N GLY E 154 -64.24 30.97 -6.91
CA GLY E 154 -64.90 30.24 -7.98
C GLY E 154 -65.46 28.94 -7.44
N GLY E 155 -65.19 27.85 -8.15
CA GLY E 155 -65.58 26.53 -7.71
C GLY E 155 -64.49 25.76 -6.99
N THR E 156 -63.42 26.44 -6.56
CA THR E 156 -62.31 25.79 -5.86
C THR E 156 -62.19 26.30 -4.43
N ALA E 157 -62.24 25.37 -3.47
CA ALA E 157 -62.04 25.64 -2.05
C ALA E 157 -60.79 24.92 -1.56
N ALA E 158 -60.01 25.60 -0.71
CA ALA E 158 -58.83 25.02 -0.09
C ALA E 158 -59.08 24.71 1.38
N LEU E 159 -58.48 23.61 1.86
CA LEU E 159 -58.60 23.22 3.28
C LEU E 159 -57.36 22.44 3.68
N GLY E 160 -57.20 22.20 4.97
CA GLY E 160 -56.02 21.45 5.38
C GLY E 160 -55.93 21.24 6.88
N CYS E 161 -54.73 20.82 7.32
CA CYS E 161 -54.42 20.59 8.72
C CYS E 161 -53.06 21.18 9.07
N LEU E 162 -53.00 21.84 10.23
CA LEU E 162 -51.76 22.40 10.79
C LEU E 162 -51.21 21.45 11.85
N VAL E 163 -50.05 20.88 11.56
CA VAL E 163 -49.36 19.89 12.40
C VAL E 163 -48.24 20.63 13.11
N LYS E 164 -48.53 21.12 14.32
CA LYS E 164 -47.67 22.07 15.03
C LYS E 164 -46.94 21.52 16.26
N ASP E 165 -45.75 22.07 16.47
CA ASP E 165 -44.94 21.92 17.71
C ASP E 165 -44.58 20.47 18.07
N TYR E 166 -43.96 19.77 17.13
CA TYR E 166 -43.51 18.41 17.40
C TYR E 166 -41.98 18.32 17.34
N PHE E 167 -41.45 17.24 17.90
CA PHE E 167 -40.02 16.93 17.87
C PHE E 167 -39.82 15.44 18.14
N PRO E 168 -38.90 14.78 17.40
CA PRO E 168 -38.13 15.19 16.23
C PRO E 168 -38.89 14.93 14.95
N GLU E 169 -38.22 15.12 13.81
CA GLU E 169 -38.76 14.72 12.52
C GLU E 169 -38.71 13.18 12.46
N PRO E 170 -39.55 12.55 11.63
CA PRO E 170 -40.58 13.03 10.71
C PRO E 170 -42.02 12.75 11.17
N VAL E 171 -42.99 13.36 10.49
CA VAL E 171 -44.41 13.02 10.60
C VAL E 171 -44.89 12.60 9.22
N THR E 172 -45.98 11.83 9.19
CA THR E 172 -46.61 11.50 7.92
C THR E 172 -48.07 11.95 7.97
N VAL E 173 -48.57 12.41 6.82
CA VAL E 173 -49.95 12.89 6.69
C VAL E 173 -50.59 12.25 5.47
N SER E 174 -51.79 11.70 5.65
CA SER E 174 -52.59 11.23 4.53
C SER E 174 -53.99 11.84 4.62
N TRP E 175 -54.76 11.73 3.55
CA TRP E 175 -56.12 12.26 3.57
C TRP E 175 -57.14 11.18 3.24
N LEU E 180 -57.89 10.06 -0.90
CA LEU E 180 -57.73 11.40 -1.47
C LEU E 180 -56.26 11.74 -1.62
N THR E 181 -55.79 11.76 -2.87
CA THR E 181 -54.40 12.04 -3.18
C THR E 181 -54.19 13.21 -4.14
N SER E 182 -55.14 13.45 -5.04
CA SER E 182 -54.97 14.53 -6.00
C SER E 182 -55.19 15.89 -5.32
N GLY E 183 -54.31 16.84 -5.65
CA GLY E 183 -54.36 18.17 -5.08
C GLY E 183 -53.75 18.32 -3.71
N VAL E 184 -53.23 17.24 -3.13
CA VAL E 184 -52.62 17.27 -1.80
C VAL E 184 -51.19 17.81 -1.87
N HIS E 185 -50.87 18.74 -0.97
CA HIS E 185 -49.52 19.27 -0.80
C HIS E 185 -49.15 19.31 0.68
N THR E 186 -48.19 18.48 1.08
CA THR E 186 -47.69 18.46 2.46
C THR E 186 -46.34 19.16 2.45
N PHE E 187 -46.28 20.33 3.08
CA PHE E 187 -45.07 21.15 3.11
C PHE E 187 -43.98 20.60 4.02
N PRO E 188 -42.72 20.81 3.65
CA PRO E 188 -41.60 20.46 4.53
C PRO E 188 -41.65 21.25 5.84
N ALA E 189 -41.21 20.60 6.92
CA ALA E 189 -41.23 21.23 8.23
C ALA E 189 -40.27 22.42 8.30
N VAL E 190 -40.67 23.41 9.11
CA VAL E 190 -39.89 24.60 9.45
C VAL E 190 -39.48 24.56 10.93
N LEU E 191 -38.30 25.11 11.21
CA LEU E 191 -37.79 25.19 12.57
C LEU E 191 -38.19 26.52 13.21
N GLN E 192 -38.88 26.43 14.34
CA GLN E 192 -39.38 27.57 15.10
C GLN E 192 -38.36 27.98 16.15
N SER E 193 -38.55 29.19 16.69
CA SER E 193 -37.63 29.68 17.70
C SER E 193 -37.67 28.83 18.98
N SER E 194 -38.76 28.09 19.19
CA SER E 194 -38.83 27.15 20.31
C SER E 194 -37.95 25.93 20.10
N GLY E 195 -37.51 25.66 18.88
CA GLY E 195 -36.77 24.45 18.59
C GLY E 195 -37.66 23.28 18.21
N LEU E 196 -38.97 23.52 18.06
CA LEU E 196 -39.95 22.54 17.65
C LEU E 196 -40.28 22.72 16.17
N TYR E 197 -40.69 21.64 15.52
CA TYR E 197 -41.05 21.73 14.11
C TYR E 197 -42.55 21.98 13.93
N SER E 198 -42.90 22.50 12.76
CA SER E 198 -44.29 22.75 12.38
C SER E 198 -44.44 22.65 10.88
N LEU E 199 -45.59 22.12 10.43
CA LEU E 199 -45.88 22.10 8.99
C LEU E 199 -47.39 22.10 8.79
N SER E 200 -47.81 22.44 7.57
CA SER E 200 -49.20 22.33 7.14
C SER E 200 -49.35 21.38 5.96
N SER E 201 -50.49 20.69 5.90
CA SER E 201 -50.85 19.85 4.76
C SER E 201 -52.17 20.37 4.20
N VAL E 202 -52.19 20.73 2.91
CA VAL E 202 -53.39 21.30 2.30
C VAL E 202 -53.87 20.46 1.12
N VAL E 203 -55.11 20.73 0.72
CA VAL E 203 -55.74 20.10 -0.44
C VAL E 203 -56.83 21.03 -0.97
N THR E 204 -56.94 21.10 -2.29
CA THR E 204 -57.99 21.86 -2.96
C THR E 204 -59.05 20.91 -3.51
N VAL E 205 -60.32 21.25 -3.28
CA VAL E 205 -61.47 20.44 -3.66
C VAL E 205 -62.54 21.34 -4.27
N PRO E 206 -63.55 20.79 -4.95
CA PRO E 206 -64.64 21.64 -5.43
C PRO E 206 -65.45 22.20 -4.28
N SER E 207 -65.74 23.50 -4.35
CA SER E 207 -66.51 24.15 -3.30
C SER E 207 -67.93 23.63 -3.17
N SER E 208 -68.47 23.02 -4.22
CA SER E 208 -69.82 22.46 -4.15
C SER E 208 -69.90 21.20 -3.31
N SER E 209 -68.77 20.55 -3.03
CA SER E 209 -68.73 19.30 -2.28
C SER E 209 -68.71 19.50 -0.76
N LEU E 210 -68.45 20.72 -0.28
CA LEU E 210 -68.23 20.96 1.15
C LEU E 210 -69.41 20.53 2.01
N GLY E 211 -70.63 20.59 1.48
CA GLY E 211 -71.80 20.22 2.28
C GLY E 211 -72.03 18.73 2.43
N THR E 212 -71.53 17.90 1.51
CA THR E 212 -71.81 16.48 1.56
C THR E 212 -70.58 15.58 1.72
N GLN E 213 -69.37 16.05 1.37
CA GLN E 213 -68.17 15.23 1.48
C GLN E 213 -67.41 15.47 2.78
N THR E 214 -66.94 14.38 3.38
CA THR E 214 -66.15 14.39 4.61
C THR E 214 -64.65 14.44 4.31
N TYR E 215 -63.93 15.35 4.96
CA TYR E 215 -62.48 15.48 4.83
C TYR E 215 -61.78 15.27 6.17
N ILE E 216 -60.96 14.22 6.27
CA ILE E 216 -60.23 13.86 7.50
C ILE E 216 -58.75 13.71 7.17
N CYS E 217 -57.88 14.39 7.94
CA CYS E 217 -56.44 14.21 7.81
C CYS E 217 -55.91 13.23 8.86
N ASN E 218 -55.05 12.29 8.41
CA ASN E 218 -54.43 11.26 9.23
C ASN E 218 -52.96 11.58 9.49
N VAL E 219 -52.63 11.98 10.72
CA VAL E 219 -51.29 12.38 11.13
C VAL E 219 -50.65 11.27 11.99
N ASN E 220 -49.45 10.82 11.60
CA ASN E 220 -48.69 9.82 12.34
C ASN E 220 -47.32 10.36 12.74
N HIS E 221 -46.96 10.16 14.02
CA HIS E 221 -45.66 10.58 14.57
C HIS E 221 -45.11 9.44 15.43
N LYS E 222 -44.38 8.52 14.80
CA LYS E 222 -43.81 7.36 15.49
C LYS E 222 -42.91 7.66 16.69
N PRO E 223 -41.98 8.63 16.65
CA PRO E 223 -41.12 8.84 17.83
C PRO E 223 -41.88 9.08 19.12
N SER E 224 -43.05 9.70 19.07
CA SER E 224 -43.84 9.93 20.27
C SER E 224 -44.99 8.93 20.39
N ASN E 225 -45.15 8.05 19.39
CA ASN E 225 -46.26 7.10 19.34
C ASN E 225 -47.62 7.81 19.25
N THR E 226 -47.67 8.91 18.50
CA THR E 226 -48.91 9.67 18.35
C THR E 226 -49.59 9.39 17.01
N LYS E 227 -50.90 9.14 17.05
CA LYS E 227 -51.74 9.04 15.86
C LYS E 227 -52.97 9.91 16.06
N VAL E 228 -53.28 10.75 15.07
CA VAL E 228 -54.44 11.65 15.14
C VAL E 228 -55.21 11.64 13.82
N ASP E 229 -56.53 11.48 13.90
CA ASP E 229 -57.43 11.59 12.74
C ASP E 229 -58.33 12.79 13.01
N LYS E 230 -58.11 13.87 12.26
CA LYS E 230 -58.82 15.13 12.46
C LYS E 230 -59.79 15.46 11.32
N LYS E 231 -61.07 15.59 11.65
CA LYS E 231 -62.10 16.00 10.69
C LYS E 231 -62.02 17.51 10.49
N VAL E 232 -62.06 17.95 9.23
CA VAL E 232 -61.99 19.37 8.87
C VAL E 232 -63.33 19.80 8.29
N GLU E 233 -64.11 20.62 9.09
CA GLU E 233 -65.45 21.13 8.82
C GLU E 233 -65.43 22.57 8.31
N PRO E 234 -66.34 22.92 7.39
CA PRO E 234 -66.44 24.30 6.90
C PRO E 234 -66.78 25.31 7.99
N LYS E 235 -66.37 26.55 7.75
CA LYS E 235 -66.54 27.66 8.69
C LYS E 235 -67.24 28.80 7.96
N SER E 236 -68.10 29.53 8.66
CA SER E 236 -68.84 30.66 8.10
C SER E 236 -68.10 31.97 8.31
N CYS E 237 -67.61 32.56 7.21
CA CYS E 237 -66.86 33.81 7.22
C CYS E 237 -65.68 33.78 8.17
#